data_6F8T
#
_entry.id   6F8T
#
_cell.length_a   64.531
_cell.length_b   98.717
_cell.length_c   119.623
_cell.angle_alpha   90.00
_cell.angle_beta   90.00
_cell.angle_gamma   90.00
#
_symmetry.space_group_name_H-M   'P 21 21 21'
#
loop_
_entity.id
_entity.type
_entity.pdbx_description
1 polymer "cAMP-specific 3',5'-cyclic phosphodiesterase 4D"
2 non-polymer 'ZINC ION'
3 non-polymer 'MAGNESIUM ION'
4 non-polymer (2~{R})-1-[(~{E})-(3-cyclopentyloxy-4-methoxy-phenyl)methylideneamino]oxy-3-[(2~{R},6~{S})-2,6-dimethylmorpholin-4-yl]propan-2-ol
5 water water
#
_entity_poly.entity_id   1
_entity_poly.type   'polypeptide(L)'
_entity_poly.pdbx_seq_one_letter_code
;MSIPRFGVKTEQEDVLAKELEDVNKWGLHVFRIAELSGNRPLTVIMHTIFQERDLLKTFKIPVDTLITYLMTLEDHYHAD
VAYHNNIHAADVVQSTHVLLSTPALEAVFTDLEILAAIFASAIHDVDHPGVSNQFLINTNSELALMYNDSSVLENHHLAV
GFKLLQEENCDIFQNLTKKQRQSLRKMVIDIVLATDMSKHMNLLADLKTMVETKKVTSSGVLLLDNYSDRIQVLQNMVHC
ADLSNPTKPLQLYRQWTDRIMEEFFRQGDRERERGMEISPMCDKHNASVEKSQVGFIDYIVHPLWETWADLVHPDAQDIL
DTLEDNREWYQSTIPQAHHHHHH
;
_entity_poly.pdbx_strand_id   A,B
#
loop_
_chem_comp.id
_chem_comp.type
_chem_comp.name
_chem_comp.formula
CZT non-polymer (2~{R})-1-[(~{E})-(3-cyclopentyloxy-4-methoxy-phenyl)methylideneamino]oxy-3-[(2~{R},6~{S})-2,6-dimethylmorpholin-4-yl]propan-2-ol 'C22 H34 N2 O5'
MG non-polymer 'MAGNESIUM ION' 'Mg 2'
ZN non-polymer 'ZINC ION' 'Zn 2'
#
# COMPACT_ATOMS: atom_id res chain seq x y z
N VAL A 8 -31.90 14.69 -14.51
CA VAL A 8 -31.49 16.01 -14.03
C VAL A 8 -30.05 15.97 -13.55
N LYS A 9 -29.67 17.01 -12.80
CA LYS A 9 -28.32 17.18 -12.24
C LYS A 9 -27.38 17.91 -13.21
N THR A 10 -27.67 17.84 -14.51
CA THR A 10 -26.88 18.61 -15.47
C THR A 10 -27.80 19.32 -16.46
N GLU A 11 -27.64 20.64 -16.56
CA GLU A 11 -28.44 21.45 -17.49
C GLU A 11 -28.15 21.02 -18.91
N GLN A 12 -28.54 19.79 -19.25
CA GLN A 12 -28.19 19.20 -20.52
C GLN A 12 -29.42 18.75 -21.32
N GLU A 13 -29.95 19.67 -22.11
CA GLU A 13 -30.92 19.35 -23.15
C GLU A 13 -32.25 18.83 -22.63
N ASP A 14 -32.62 17.63 -23.07
CA ASP A 14 -34.00 17.17 -23.00
C ASP A 14 -34.27 15.99 -22.06
N VAL A 15 -34.25 14.76 -22.60
CA VAL A 15 -34.75 13.59 -21.85
C VAL A 15 -34.78 12.29 -22.68
N LEU A 16 -33.99 11.24 -22.36
CA LEU A 16 -33.01 11.09 -21.24
C LEU A 16 -33.66 10.47 -20.00
N ALA A 17 -34.77 11.05 -19.55
CA ALA A 17 -35.53 10.48 -18.45
C ALA A 17 -36.04 9.09 -18.81
N LYS A 18 -36.40 8.89 -20.08
CA LYS A 18 -36.85 7.59 -20.52
C LYS A 18 -35.73 6.54 -20.45
N GLU A 19 -34.50 6.98 -20.74
CA GLU A 19 -33.36 6.08 -20.64
C GLU A 19 -33.05 5.81 -19.17
N LEU A 20 -33.12 6.84 -18.34
CA LEU A 20 -32.81 6.70 -16.93
C LEU A 20 -33.82 5.82 -16.19
N GLU A 21 -34.90 5.45 -16.87
CA GLU A 21 -35.87 4.51 -16.31
C GLU A 21 -35.24 3.14 -16.17
N ASP A 22 -34.09 2.94 -16.82
CA ASP A 22 -33.41 1.67 -16.80
C ASP A 22 -32.25 1.66 -15.80
N VAL A 23 -32.16 2.68 -14.97
CA VAL A 23 -31.05 2.78 -14.01
C VAL A 23 -31.05 1.60 -13.04
N ASN A 24 -32.20 0.95 -12.90
CA ASN A 24 -32.31 -0.22 -12.03
C ASN A 24 -32.11 -1.53 -12.76
N LYS A 25 -31.76 -1.47 -14.04
CA LYS A 25 -31.66 -2.69 -14.85
C LYS A 25 -30.27 -2.94 -15.41
N TRP A 26 -29.90 -4.23 -15.49
CA TRP A 26 -28.67 -4.62 -16.16
C TRP A 26 -28.81 -4.24 -17.61
N GLY A 27 -27.80 -3.61 -18.18
CA GLY A 27 -27.95 -3.23 -19.59
C GLY A 27 -28.68 -1.92 -19.86
N LEU A 28 -28.76 -1.07 -18.84
CA LEU A 28 -28.96 0.36 -19.06
C LEU A 28 -28.09 0.79 -20.24
N HIS A 29 -28.55 1.67 -21.12
CA HIS A 29 -27.65 2.08 -22.20
C HIS A 29 -26.85 3.30 -21.77
N VAL A 30 -25.68 3.03 -21.22
CA VAL A 30 -24.90 4.07 -20.59
C VAL A 30 -24.29 5.02 -21.64
N PHE A 31 -24.04 4.50 -22.84
CA PHE A 31 -23.47 5.34 -23.89
C PHE A 31 -24.51 6.36 -24.37
N ARG A 32 -25.75 5.91 -24.51
CA ARG A 32 -26.86 6.80 -24.82
C ARG A 32 -26.95 7.89 -23.74
N ILE A 33 -26.86 7.48 -22.47
CA ILE A 33 -26.90 8.43 -21.36
C ILE A 33 -25.79 9.47 -21.47
N ALA A 34 -24.60 9.01 -21.80
CA ALA A 34 -23.45 9.91 -21.95
C ALA A 34 -23.73 10.97 -23.02
N GLU A 35 -24.25 10.52 -24.16
CA GLU A 35 -24.57 11.45 -25.24
C GLU A 35 -25.67 12.42 -24.82
N LEU A 36 -26.79 11.87 -24.34
CA LEU A 36 -27.94 12.68 -23.98
C LEU A 36 -27.67 13.67 -22.85
N SER A 37 -26.56 13.49 -22.13
CA SER A 37 -26.30 14.32 -20.98
C SER A 37 -25.16 15.29 -21.22
N GLY A 38 -24.71 15.37 -22.47
CA GLY A 38 -23.57 16.23 -22.79
C GLY A 38 -22.33 15.71 -22.11
N ASN A 39 -22.16 14.39 -22.17
CA ASN A 39 -21.00 13.70 -21.60
C ASN A 39 -20.89 13.90 -20.09
N ARG A 40 -22.02 13.77 -19.41
CA ARG A 40 -22.04 13.78 -17.95
C ARG A 40 -22.71 12.55 -17.38
N PRO A 41 -22.38 11.36 -17.92
CA PRO A 41 -23.08 10.16 -17.44
C PRO A 41 -22.80 9.86 -15.98
N LEU A 42 -21.60 10.15 -15.51
CA LEU A 42 -21.28 9.87 -14.11
C LEU A 42 -22.09 10.77 -13.17
N THR A 43 -22.13 12.07 -13.48
CA THR A 43 -22.92 12.99 -12.65
C THR A 43 -24.40 12.62 -12.68
N VAL A 44 -24.95 12.41 -13.88
CA VAL A 44 -26.37 12.12 -14.02
C VAL A 44 -26.75 10.84 -13.30
N ILE A 45 -25.98 9.79 -13.53
CA ILE A 45 -26.33 8.50 -12.94
C ILE A 45 -26.15 8.50 -11.42
N MET A 46 -25.08 9.12 -10.93
CA MET A 46 -24.88 9.21 -9.49
C MET A 46 -25.98 10.01 -8.84
N HIS A 47 -26.36 11.12 -9.47
CA HIS A 47 -27.46 11.94 -8.93
C HIS A 47 -28.73 11.12 -8.81
N THR A 48 -29.05 10.39 -9.89
CA THR A 48 -30.26 9.57 -9.94
C THR A 48 -30.25 8.52 -8.84
N ILE A 49 -29.10 7.87 -8.65
CA ILE A 49 -29.01 6.78 -7.68
C ILE A 49 -29.10 7.34 -6.26
N PHE A 50 -28.47 8.49 -6.02
CA PHE A 50 -28.52 9.09 -4.69
C PHE A 50 -29.94 9.51 -4.33
N GLN A 51 -30.68 10.02 -5.30
CA GLN A 51 -32.07 10.39 -5.05
C GLN A 51 -32.92 9.16 -4.84
N GLU A 52 -32.74 8.15 -5.69
CA GLU A 52 -33.52 6.92 -5.61
C GLU A 52 -33.34 6.22 -4.26
N ARG A 53 -32.10 6.16 -3.78
CA ARG A 53 -31.79 5.50 -2.53
C ARG A 53 -31.97 6.43 -1.33
N ASP A 54 -32.43 7.65 -1.59
CA ASP A 54 -32.67 8.64 -0.53
C ASP A 54 -31.41 8.93 0.29
N LEU A 55 -30.25 8.90 -0.36
CA LEU A 55 -29.00 9.09 0.35
C LEU A 55 -28.76 10.56 0.75
N LEU A 56 -29.35 11.51 0.02
CA LEU A 56 -29.17 12.90 0.40
C LEU A 56 -29.82 13.17 1.75
N LYS A 57 -31.03 12.64 1.93
CA LYS A 57 -31.74 12.84 3.18
C LYS A 57 -31.05 12.10 4.34
N THR A 58 -30.65 10.84 4.10
CA THR A 58 -30.04 10.01 5.16
C THR A 58 -28.77 10.61 5.71
N PHE A 59 -27.96 11.19 4.84
CA PHE A 59 -26.64 11.66 5.23
C PHE A 59 -26.53 13.17 5.16
N LYS A 60 -27.67 13.81 4.96
CA LYS A 60 -27.76 15.28 4.92
C LYS A 60 -26.73 15.86 3.96
N ILE A 61 -26.76 15.32 2.74
CA ILE A 61 -25.94 15.79 1.64
C ILE A 61 -26.68 16.86 0.87
N PRO A 62 -26.18 18.11 0.91
CA PRO A 62 -26.80 19.19 0.12
C PRO A 62 -26.72 18.84 -1.37
N VAL A 63 -27.81 18.97 -2.10
CA VAL A 63 -27.85 18.54 -3.50
C VAL A 63 -26.83 19.31 -4.34
N ASP A 64 -26.60 20.59 -4.04
CA ASP A 64 -25.66 21.36 -4.85
C ASP A 64 -24.23 20.93 -4.57
N THR A 65 -23.98 20.50 -3.33
CA THR A 65 -22.67 19.96 -2.96
C THR A 65 -22.42 18.63 -3.69
N LEU A 66 -23.45 17.79 -3.75
CA LEU A 66 -23.34 16.54 -4.50
C LEU A 66 -23.04 16.80 -5.97
N ILE A 67 -23.78 17.71 -6.57
CA ILE A 67 -23.59 17.94 -7.99
C ILE A 67 -22.22 18.56 -8.23
N THR A 68 -21.78 19.47 -7.36
CA THR A 68 -20.48 20.10 -7.53
C THR A 68 -19.37 19.05 -7.42
N TYR A 69 -19.46 18.17 -6.43
CA TYR A 69 -18.44 17.13 -6.33
C TYR A 69 -18.44 16.19 -7.53
N LEU A 70 -19.62 15.76 -7.98
CA LEU A 70 -19.71 14.83 -9.10
C LEU A 70 -19.16 15.43 -10.37
N MET A 71 -19.41 16.71 -10.58
CA MET A 71 -18.89 17.39 -11.77
CA MET A 71 -18.89 17.36 -11.78
C MET A 71 -17.37 17.45 -11.74
N THR A 72 -16.82 17.75 -10.55
CA THR A 72 -15.38 17.83 -10.40
C THR A 72 -14.75 16.45 -10.56
N LEU A 73 -15.36 15.46 -9.91
CA LEU A 73 -14.91 14.07 -10.06
C LEU A 73 -14.92 13.66 -11.52
N GLU A 74 -16.04 13.91 -12.19
CA GLU A 74 -16.18 13.52 -13.60
C GLU A 74 -15.13 14.23 -14.47
N ASP A 75 -14.83 15.49 -14.15
CA ASP A 75 -13.81 16.24 -14.87
C ASP A 75 -12.40 15.63 -14.73
N HIS A 76 -12.18 14.79 -13.72
CA HIS A 76 -10.86 14.22 -13.50
C HIS A 76 -10.72 12.80 -14.08
N TYR A 77 -11.77 12.34 -14.78
CA TYR A 77 -11.63 11.22 -15.70
C TYR A 77 -11.23 11.80 -17.06
N HIS A 78 -10.21 11.23 -17.69
CA HIS A 78 -9.66 11.78 -18.93
C HIS A 78 -10.57 11.52 -20.11
N ALA A 79 -10.96 12.58 -20.81
CA ALA A 79 -11.81 12.44 -21.99
C ALA A 79 -11.10 11.73 -23.15
N ASP A 80 -9.78 11.79 -23.21
CA ASP A 80 -9.05 11.20 -24.32
C ASP A 80 -8.52 9.79 -24.01
N VAL A 81 -9.03 9.19 -22.94
CA VAL A 81 -8.74 7.79 -22.63
C VAL A 81 -9.95 6.97 -23.08
N ALA A 82 -9.72 5.98 -23.93
CA ALA A 82 -10.82 5.31 -24.65
C ALA A 82 -11.72 4.48 -23.76
N TYR A 83 -11.16 3.85 -22.73
CA TYR A 83 -11.96 2.96 -21.90
C TYR A 83 -12.06 3.50 -20.48
N HIS A 84 -10.92 3.74 -19.85
CA HIS A 84 -10.95 4.15 -18.44
C HIS A 84 -11.28 5.63 -18.30
N ASN A 85 -12.52 5.97 -18.65
CA ASN A 85 -13.00 7.34 -18.62
C ASN A 85 -14.30 7.44 -17.80
N ASN A 86 -14.97 8.59 -17.87
CA ASN A 86 -16.16 8.82 -17.05
C ASN A 86 -17.32 7.87 -17.38
N ILE A 87 -17.38 7.37 -18.62
CA ILE A 87 -18.43 6.42 -18.97
C ILE A 87 -18.21 5.07 -18.27
N HIS A 88 -16.95 4.63 -18.17
CA HIS A 88 -16.64 3.41 -17.43
C HIS A 88 -17.01 3.58 -15.95
N ALA A 89 -16.64 4.71 -15.36
CA ALA A 89 -16.99 4.98 -13.96
C ALA A 89 -18.50 4.94 -13.78
N ALA A 90 -19.23 5.58 -14.70
CA ALA A 90 -20.68 5.61 -14.60
C ALA A 90 -21.24 4.21 -14.67
N ASP A 91 -20.66 3.40 -15.56
CA ASP A 91 -21.07 2.01 -15.77
C ASP A 91 -20.87 1.19 -14.51
N VAL A 92 -19.70 1.35 -13.88
CA VAL A 92 -19.41 0.54 -12.71
C VAL A 92 -20.32 0.96 -11.55
N VAL A 93 -20.53 2.27 -11.40
CA VAL A 93 -21.50 2.78 -10.44
C VAL A 93 -22.87 2.15 -10.63
N GLN A 94 -23.36 2.19 -11.86
CA GLN A 94 -24.72 1.74 -12.12
C GLN A 94 -24.82 0.22 -11.93
N SER A 95 -23.76 -0.49 -12.27
CA SER A 95 -23.75 -1.94 -12.16
C SER A 95 -23.74 -2.35 -10.67
N THR A 96 -22.91 -1.67 -9.90
CA THR A 96 -22.91 -1.86 -8.45
C THR A 96 -24.30 -1.59 -7.85
N HIS A 97 -24.93 -0.51 -8.32
CA HIS A 97 -26.28 -0.15 -7.88
C HIS A 97 -27.28 -1.28 -8.13
N VAL A 98 -27.17 -1.93 -9.28
CA VAL A 98 -28.06 -3.06 -9.58
C VAL A 98 -27.72 -4.26 -8.69
N LEU A 99 -26.43 -4.56 -8.55
CA LEU A 99 -26.01 -5.69 -7.74
C LEU A 99 -26.42 -5.55 -6.28
N LEU A 100 -26.45 -4.32 -5.78
CA LEU A 100 -26.80 -4.07 -4.39
C LEU A 100 -28.27 -4.41 -4.12
N SER A 101 -29.07 -4.35 -5.17
CA SER A 101 -30.52 -4.54 -5.03
C SER A 101 -30.93 -5.99 -5.25
N THR A 102 -29.96 -6.88 -5.42
CA THR A 102 -30.24 -8.29 -5.69
C THR A 102 -30.99 -8.88 -4.48
N PRO A 103 -31.99 -9.74 -4.75
CA PRO A 103 -32.85 -10.27 -3.67
C PRO A 103 -32.07 -10.91 -2.53
N ALA A 104 -31.00 -11.62 -2.86
CA ALA A 104 -30.20 -12.34 -1.87
C ALA A 104 -29.50 -11.39 -0.89
N LEU A 105 -29.47 -10.10 -1.21
CA LEU A 105 -28.80 -9.12 -0.35
C LEU A 105 -29.77 -8.16 0.33
N GLU A 106 -31.07 -8.46 0.27
CA GLU A 106 -32.05 -7.53 0.83
C GLU A 106 -31.84 -7.29 2.32
N ALA A 107 -31.73 -6.01 2.68
CA ALA A 107 -31.57 -5.56 4.07
C ALA A 107 -30.25 -6.01 4.72
N VAL A 108 -29.30 -6.48 3.92
CA VAL A 108 -28.03 -6.95 4.45
C VAL A 108 -27.11 -5.79 4.80
N PHE A 109 -27.08 -4.77 3.94
CA PHE A 109 -26.11 -3.69 4.10
C PHE A 109 -26.76 -2.44 4.66
N THR A 110 -26.02 -1.76 5.53
CA THR A 110 -26.42 -0.47 6.07
C THR A 110 -26.37 0.61 4.99
N ASP A 111 -27.01 1.75 5.26
CA ASP A 111 -26.97 2.83 4.29
C ASP A 111 -25.53 3.34 4.11
N LEU A 112 -24.72 3.30 5.17
CA LEU A 112 -23.33 3.72 5.07
C LEU A 112 -22.53 2.77 4.18
N GLU A 113 -22.82 1.48 4.27
CA GLU A 113 -22.12 0.50 3.44
C GLU A 113 -22.51 0.66 1.97
N ILE A 114 -23.78 0.93 1.73
CA ILE A 114 -24.29 1.19 0.39
C ILE A 114 -23.63 2.45 -0.20
N LEU A 115 -23.56 3.50 0.61
CA LEU A 115 -22.88 4.73 0.20
C LEU A 115 -21.41 4.46 -0.15
N ALA A 116 -20.73 3.69 0.70
CA ALA A 116 -19.32 3.33 0.45
C ALA A 116 -19.14 2.59 -0.88
N ALA A 117 -19.99 1.61 -1.15
CA ALA A 117 -19.87 0.83 -2.38
C ALA A 117 -20.09 1.72 -3.59
N ILE A 118 -21.06 2.61 -3.50
CA ILE A 118 -21.40 3.44 -4.65
C ILE A 118 -20.32 4.51 -4.84
N PHE A 119 -19.90 5.13 -3.75
CA PHE A 119 -18.82 6.12 -3.84
C PHE A 119 -17.52 5.49 -4.34
N ALA A 120 -17.18 4.31 -3.82
CA ALA A 120 -15.98 3.63 -4.28
C ALA A 120 -16.07 3.37 -5.79
N SER A 121 -17.22 2.90 -6.25
CA SER A 121 -17.42 2.64 -7.68
C SER A 121 -17.18 3.93 -8.49
N ALA A 122 -17.66 5.06 -7.97
CA ALA A 122 -17.56 6.32 -8.71
C ALA A 122 -16.13 6.80 -8.86
N ILE A 123 -15.32 6.62 -7.81
CA ILE A 123 -13.95 7.12 -7.85
C ILE A 123 -12.93 6.07 -8.27
N HIS A 124 -13.37 4.85 -8.56
CA HIS A 124 -12.41 3.75 -8.52
C HIS A 124 -11.36 3.77 -9.62
N ASP A 125 -11.58 4.52 -10.71
CA ASP A 125 -10.55 4.69 -11.74
C ASP A 125 -10.23 6.15 -12.04
N VAL A 126 -10.51 7.07 -11.11
CA VAL A 126 -10.38 8.49 -11.46
C VAL A 126 -8.93 8.88 -11.78
N ASP A 127 -8.75 9.75 -12.77
CA ASP A 127 -7.42 10.18 -13.24
C ASP A 127 -6.59 9.02 -13.80
N HIS A 128 -7.27 8.01 -14.33
CA HIS A 128 -6.58 6.91 -15.01
C HIS A 128 -5.88 7.45 -16.26
N PRO A 129 -4.59 7.12 -16.42
CA PRO A 129 -3.84 7.65 -17.57
C PRO A 129 -3.96 6.79 -18.83
N GLY A 130 -4.68 5.66 -18.73
CA GLY A 130 -4.88 4.81 -19.90
C GLY A 130 -3.73 3.84 -20.14
N VAL A 131 -2.86 3.69 -19.15
CA VAL A 131 -1.82 2.68 -19.16
C VAL A 131 -1.84 1.88 -17.85
N SER A 132 -1.30 0.68 -17.91
CA SER A 132 -1.34 -0.29 -16.82
C SER A 132 -0.37 0.00 -15.67
N ASN A 133 -0.62 -0.61 -14.51
CA ASN A 133 0.37 -0.58 -13.43
C ASN A 133 1.75 -1.02 -13.91
N GLN A 134 1.80 -2.12 -14.65
CA GLN A 134 3.08 -2.66 -15.08
C GLN A 134 3.81 -1.70 -16.01
N PHE A 135 3.08 -1.02 -16.89
CA PHE A 135 3.67 0.00 -17.73
C PHE A 135 4.25 1.14 -16.88
N LEU A 136 3.49 1.58 -15.89
CA LEU A 136 3.92 2.66 -15.01
C LEU A 136 5.19 2.27 -14.24
N ILE A 137 5.29 0.99 -13.89
CA ILE A 137 6.47 0.50 -13.18
C ILE A 137 7.67 0.41 -14.11
N ASN A 138 7.44 -0.17 -15.28
CA ASN A 138 8.49 -0.38 -16.28
C ASN A 138 9.11 0.91 -16.80
N THR A 139 8.33 1.99 -16.80
CA THR A 139 8.81 3.26 -17.31
C THR A 139 9.26 4.19 -16.18
N ASN A 140 9.38 3.64 -14.97
CA ASN A 140 9.87 4.40 -13.83
C ASN A 140 9.08 5.69 -13.60
N SER A 141 7.77 5.60 -13.73
CA SER A 141 6.91 6.76 -13.57
C SER A 141 6.99 7.33 -12.16
N GLU A 142 6.69 8.61 -12.04
CA GLU A 142 6.62 9.23 -10.71
C GLU A 142 5.55 8.56 -9.84
N LEU A 143 4.45 8.15 -10.46
CA LEU A 143 3.41 7.45 -9.69
C LEU A 143 3.92 6.15 -9.08
N ALA A 144 4.68 5.37 -9.85
CA ALA A 144 5.17 4.11 -9.31
C ALA A 144 6.23 4.36 -8.24
N LEU A 145 6.98 5.44 -8.40
CA LEU A 145 7.94 5.84 -7.36
C LEU A 145 7.18 6.24 -6.10
N MET A 146 6.10 6.99 -6.26
CA MET A 146 5.29 7.41 -5.11
CA MET A 146 5.31 7.40 -5.10
C MET A 146 4.74 6.21 -4.33
N TYR A 147 4.27 5.21 -5.06
CA TYR A 147 3.56 4.10 -4.43
C TYR A 147 4.33 2.78 -4.37
N ASN A 148 5.64 2.86 -4.57
CA ASN A 148 6.51 1.71 -4.40
C ASN A 148 6.05 0.47 -5.16
N ASP A 149 5.62 0.71 -6.40
CA ASP A 149 5.23 -0.33 -7.35
C ASP A 149 4.04 -1.20 -6.95
N SER A 150 3.34 -0.81 -5.88
CA SER A 150 2.25 -1.63 -5.36
CA SER A 150 2.25 -1.62 -5.34
C SER A 150 0.89 -0.94 -5.51
N SER A 151 -0.02 -1.60 -6.22
CA SER A 151 -1.34 -1.06 -6.51
C SER A 151 -1.23 0.43 -6.86
N VAL A 152 -0.33 0.73 -7.79
CA VAL A 152 0.03 2.11 -8.09
C VAL A 152 -1.20 2.92 -8.50
N LEU A 153 -1.93 2.46 -9.51
CA LEU A 153 -3.13 3.16 -9.98
C LEU A 153 -4.21 3.26 -8.90
N GLU A 154 -4.46 2.14 -8.24
CA GLU A 154 -5.58 2.05 -7.30
C GLU A 154 -5.34 2.97 -6.08
N ASN A 155 -4.10 3.01 -5.61
CA ASN A 155 -3.77 3.98 -4.56
C ASN A 155 -4.01 5.41 -5.02
N HIS A 156 -3.65 5.68 -6.26
CA HIS A 156 -3.83 7.01 -6.83
C HIS A 156 -5.29 7.38 -7.00
N HIS A 157 -6.10 6.44 -7.50
CA HIS A 157 -7.52 6.70 -7.70
C HIS A 157 -8.15 7.12 -6.37
N LEU A 158 -7.83 6.39 -5.31
CA LEU A 158 -8.33 6.73 -3.97
C LEU A 158 -7.88 8.11 -3.51
N ALA A 159 -6.58 8.39 -3.65
CA ALA A 159 -6.06 9.67 -3.19
C ALA A 159 -6.77 10.84 -3.88
N VAL A 160 -6.97 10.73 -5.18
CA VAL A 160 -7.62 11.79 -5.92
C VAL A 160 -9.10 11.89 -5.54
N GLY A 161 -9.77 10.75 -5.45
CA GLY A 161 -11.19 10.75 -5.12
C GLY A 161 -11.48 11.42 -3.79
N PHE A 162 -10.64 11.16 -2.80
CA PHE A 162 -10.78 11.78 -1.51
C PHE A 162 -10.34 13.24 -1.51
N LYS A 163 -9.24 13.54 -2.21
CA LYS A 163 -8.71 14.91 -2.22
C LYS A 163 -9.76 15.86 -2.80
N LEU A 164 -10.49 15.41 -3.82
CA LEU A 164 -11.48 16.29 -4.46
C LEU A 164 -12.62 16.69 -3.51
N LEU A 165 -12.80 15.95 -2.42
CA LEU A 165 -13.79 16.34 -1.43
C LEU A 165 -13.46 17.68 -0.81
N GLN A 166 -12.21 18.10 -0.94
CA GLN A 166 -11.70 19.30 -0.29
C GLN A 166 -11.86 20.56 -1.13
N GLU A 167 -12.31 20.40 -2.36
CA GLU A 167 -12.53 21.57 -3.22
C GLU A 167 -13.79 22.30 -2.75
N GLU A 168 -13.91 23.56 -3.14
CA GLU A 168 -15.01 24.40 -2.68
C GLU A 168 -16.37 23.76 -2.91
N ASN A 169 -17.14 23.63 -1.82
CA ASN A 169 -18.48 23.09 -1.83
C ASN A 169 -18.55 21.68 -2.41
N CYS A 170 -17.55 20.86 -2.08
CA CYS A 170 -17.48 19.49 -2.61
C CYS A 170 -17.55 18.41 -1.54
N ASP A 171 -17.63 18.80 -0.26
CA ASP A 171 -17.59 17.76 0.77
C ASP A 171 -18.94 17.10 1.01
N ILE A 172 -19.22 16.07 0.23
CA ILE A 172 -20.50 15.38 0.35
C ILE A 172 -20.61 14.61 1.67
N PHE A 173 -19.49 14.46 2.39
CA PHE A 173 -19.54 13.74 3.67
C PHE A 173 -19.52 14.65 4.87
N GLN A 174 -19.70 15.96 4.64
CA GLN A 174 -19.54 16.94 5.72
C GLN A 174 -20.48 16.69 6.89
N ASN A 175 -21.61 16.05 6.64
CA ASN A 175 -22.59 15.82 7.72
C ASN A 175 -22.64 14.37 8.24
N LEU A 176 -21.64 13.59 7.87
CA LEU A 176 -21.41 12.32 8.55
C LEU A 176 -20.76 12.60 9.90
N THR A 177 -20.98 11.71 10.86
CA THR A 177 -20.25 11.80 12.12
C THR A 177 -18.80 11.40 11.90
N LYS A 178 -17.95 11.72 12.87
CA LYS A 178 -16.53 11.37 12.77
C LYS A 178 -16.39 9.86 12.57
N LYS A 179 -17.11 9.08 13.36
CA LYS A 179 -17.07 7.62 13.24
C LYS A 179 -17.54 7.16 11.86
N GLN A 180 -18.65 7.73 11.39
CA GLN A 180 -19.17 7.36 10.07
C GLN A 180 -18.14 7.64 8.99
N ARG A 181 -17.52 8.81 9.07
CA ARG A 181 -16.50 9.20 8.10
C ARG A 181 -15.34 8.22 8.12
N GLN A 182 -14.92 7.82 9.31
CA GLN A 182 -13.80 6.90 9.45
C GLN A 182 -14.14 5.54 8.87
N SER A 183 -15.35 5.06 9.14
CA SER A 183 -15.77 3.75 8.68
CA SER A 183 -15.77 3.75 8.68
C SER A 183 -15.91 3.75 7.17
N LEU A 184 -16.53 4.81 6.64
CA LEU A 184 -16.72 4.90 5.20
C LEU A 184 -15.38 4.97 4.49
N ARG A 185 -14.47 5.77 5.03
CA ARG A 185 -13.12 5.87 4.46
C ARG A 185 -12.43 4.50 4.38
N LYS A 186 -12.44 3.76 5.47
CA LYS A 186 -11.84 2.43 5.45
C LYS A 186 -12.49 1.49 4.43
N MET A 187 -13.82 1.50 4.35
CA MET A 187 -14.51 0.62 3.41
C MET A 187 -14.17 0.98 1.96
N VAL A 188 -14.13 2.27 1.68
CA VAL A 188 -13.86 2.72 0.30
C VAL A 188 -12.44 2.34 -0.10
N ILE A 189 -11.46 2.56 0.78
CA ILE A 189 -10.11 2.10 0.52
C ILE A 189 -10.04 0.57 0.29
N ASP A 190 -10.67 -0.20 1.18
CA ASP A 190 -10.64 -1.65 1.04
C ASP A 190 -11.23 -2.08 -0.31
N ILE A 191 -12.29 -1.41 -0.74
CA ILE A 191 -12.95 -1.77 -1.98
C ILE A 191 -12.12 -1.40 -3.20
N VAL A 192 -11.62 -0.16 -3.26
CA VAL A 192 -10.90 0.25 -4.48
C VAL A 192 -9.56 -0.47 -4.61
N LEU A 193 -8.88 -0.72 -3.49
CA LEU A 193 -7.63 -1.49 -3.58
C LEU A 193 -7.89 -2.91 -4.12
N ALA A 194 -9.08 -3.44 -3.83
CA ALA A 194 -9.46 -4.76 -4.33
C ALA A 194 -9.76 -4.80 -5.84
N THR A 195 -9.81 -3.64 -6.50
CA THR A 195 -10.03 -3.64 -7.96
C THR A 195 -8.72 -3.82 -8.73
N ASP A 196 -7.59 -3.82 -8.02
CA ASP A 196 -6.30 -4.17 -8.62
C ASP A 196 -6.37 -5.61 -9.15
N MET A 197 -6.21 -5.76 -10.47
CA MET A 197 -6.35 -7.08 -11.07
CA MET A 197 -6.34 -7.06 -11.09
CA MET A 197 -6.30 -7.05 -11.13
C MET A 197 -5.30 -8.05 -10.57
N SER A 198 -4.21 -7.54 -9.99
CA SER A 198 -3.19 -8.42 -9.41
C SER A 198 -3.74 -9.15 -8.17
N LYS A 199 -4.87 -8.69 -7.66
CA LYS A 199 -5.47 -9.30 -6.48
C LYS A 199 -6.60 -10.26 -6.86
N HIS A 200 -6.90 -10.35 -8.15
CA HIS A 200 -8.07 -11.10 -8.61
C HIS A 200 -8.08 -12.57 -8.16
N MET A 201 -6.97 -13.25 -8.34
CA MET A 201 -6.94 -14.68 -8.05
C MET A 201 -7.16 -14.94 -6.56
N ASN A 202 -6.49 -14.17 -5.70
CA ASN A 202 -6.70 -14.29 -4.27
C ASN A 202 -8.11 -13.94 -3.86
N LEU A 203 -8.63 -12.83 -4.41
CA LEU A 203 -9.97 -12.38 -4.11
C LEU A 203 -11.00 -13.46 -4.44
N LEU A 204 -10.86 -14.05 -5.61
CA LEU A 204 -11.79 -15.08 -6.07
C LEU A 204 -11.70 -16.32 -5.19
N ALA A 205 -10.46 -16.74 -4.93
CA ALA A 205 -10.23 -17.91 -4.08
C ALA A 205 -10.95 -17.78 -2.76
N ASP A 206 -10.94 -16.57 -2.19
CA ASP A 206 -11.60 -16.32 -0.93
C ASP A 206 -13.11 -16.24 -1.10
N LEU A 207 -13.57 -15.74 -2.25
CA LEU A 207 -14.99 -15.73 -2.54
C LEU A 207 -15.55 -17.16 -2.64
N LYS A 208 -14.77 -18.04 -3.25
CA LYS A 208 -15.17 -19.44 -3.38
C LYS A 208 -15.31 -20.04 -1.98
N THR A 209 -14.38 -19.69 -1.10
CA THR A 209 -14.43 -20.18 0.27
C THR A 209 -15.69 -19.67 0.98
N MET A 210 -16.05 -18.42 0.73
CA MET A 210 -17.26 -17.87 1.33
C MET A 210 -18.51 -18.57 0.83
N VAL A 211 -18.55 -18.86 -0.46
CA VAL A 211 -19.70 -19.55 -1.04
C VAL A 211 -19.86 -20.94 -0.42
N GLU A 212 -18.73 -21.62 -0.24
CA GLU A 212 -18.72 -22.95 0.35
C GLU A 212 -19.32 -22.98 1.75
N THR A 213 -19.11 -21.93 2.53
CA THR A 213 -19.59 -21.89 3.90
C THR A 213 -20.72 -20.89 4.06
N LYS A 214 -21.43 -20.65 2.97
CA LYS A 214 -22.43 -19.59 2.93
C LYS A 214 -23.64 -19.88 3.84
N LYS A 215 -24.07 -18.84 4.55
CA LYS A 215 -25.21 -18.92 5.44
C LYS A 215 -26.37 -18.10 4.90
N VAL A 216 -27.53 -18.73 4.75
CA VAL A 216 -28.69 -18.00 4.27
C VAL A 216 -29.90 -18.25 5.14
N THR A 217 -30.81 -17.27 5.15
CA THR A 217 -32.11 -17.46 5.76
C THR A 217 -32.93 -18.36 4.86
N SER A 218 -34.19 -18.59 5.22
CA SER A 218 -35.04 -19.49 4.45
C SER A 218 -35.45 -18.88 3.11
N SER A 219 -35.45 -17.55 3.04
CA SER A 219 -35.79 -16.86 1.80
C SER A 219 -34.55 -16.67 0.93
N GLY A 220 -33.45 -17.30 1.33
CA GLY A 220 -32.22 -17.29 0.56
C GLY A 220 -31.43 -16.01 0.72
N VAL A 221 -31.72 -15.25 1.77
CA VAL A 221 -31.00 -14.01 2.01
C VAL A 221 -29.72 -14.26 2.81
N LEU A 222 -28.63 -13.66 2.34
CA LEU A 222 -27.32 -13.89 2.92
C LEU A 222 -27.25 -13.42 4.36
N LEU A 223 -26.57 -14.18 5.20
CA LEU A 223 -26.34 -13.79 6.58
C LEU A 223 -24.86 -13.49 6.77
N LEU A 224 -24.51 -12.21 6.80
CA LEU A 224 -23.13 -11.80 6.99
C LEU A 224 -22.94 -11.41 8.45
N ASP A 225 -21.84 -11.84 9.06
CA ASP A 225 -21.71 -11.75 10.52
C ASP A 225 -20.93 -10.56 11.05
N ASN A 226 -20.05 -10.01 10.23
CA ASN A 226 -19.07 -9.04 10.72
C ASN A 226 -18.51 -8.22 9.57
N TYR A 227 -17.57 -7.32 9.87
CA TYR A 227 -16.99 -6.47 8.84
C TYR A 227 -16.29 -7.29 7.77
N SER A 228 -15.57 -8.32 8.18
CA SER A 228 -14.84 -9.17 7.24
CA SER A 228 -14.84 -9.17 7.24
C SER A 228 -15.78 -9.73 6.17
N ASP A 229 -16.92 -10.28 6.61
CA ASP A 229 -17.93 -10.78 5.70
C ASP A 229 -18.48 -9.68 4.80
N ARG A 230 -18.84 -8.56 5.40
CA ARG A 230 -19.52 -7.50 4.66
C ARG A 230 -18.57 -6.91 3.62
N ILE A 231 -17.34 -6.60 4.05
CA ILE A 231 -16.41 -5.94 3.13
C ILE A 231 -15.98 -6.92 2.02
N GLN A 232 -15.88 -8.21 2.34
CA GLN A 232 -15.53 -9.17 1.31
C GLN A 232 -16.61 -9.24 0.21
N VAL A 233 -17.87 -9.21 0.62
CA VAL A 233 -18.94 -9.23 -0.38
C VAL A 233 -18.93 -7.93 -1.18
N LEU A 234 -18.71 -6.80 -0.50
CA LEU A 234 -18.66 -5.53 -1.24
C LEU A 234 -17.47 -5.46 -2.20
N GLN A 235 -16.30 -5.93 -1.75
CA GLN A 235 -15.12 -5.96 -2.62
C GLN A 235 -15.39 -6.76 -3.88
N ASN A 236 -15.95 -7.95 -3.69
CA ASN A 236 -16.21 -8.81 -4.84
C ASN A 236 -17.32 -8.25 -5.72
N MET A 237 -18.30 -7.62 -5.09
CA MET A 237 -19.39 -6.98 -5.84
C MET A 237 -18.88 -5.90 -6.80
N VAL A 238 -18.05 -5.01 -6.29
CA VAL A 238 -17.52 -3.93 -7.12
C VAL A 238 -16.53 -4.48 -8.15
N HIS A 239 -15.77 -5.52 -7.79
CA HIS A 239 -14.88 -6.20 -8.74
C HIS A 239 -15.71 -6.82 -9.88
N CYS A 240 -16.82 -7.46 -9.53
CA CYS A 240 -17.73 -8.00 -10.54
C CYS A 240 -18.27 -6.88 -11.44
N ALA A 241 -18.61 -5.74 -10.85
CA ALA A 241 -19.13 -4.61 -11.61
C ALA A 241 -18.06 -4.10 -12.58
N ASP A 242 -16.83 -4.04 -12.08
CA ASP A 242 -15.68 -3.63 -12.89
C ASP A 242 -15.46 -4.58 -14.07
N LEU A 243 -15.73 -5.87 -13.84
CA LEU A 243 -15.55 -6.91 -14.85
C LEU A 243 -16.88 -7.37 -15.43
N SER A 244 -17.83 -6.45 -15.61
CA SER A 244 -19.18 -6.83 -15.99
C SER A 244 -19.47 -6.64 -17.49
N ASN A 245 -18.53 -6.06 -18.23
CA ASN A 245 -18.78 -5.78 -19.65
C ASN A 245 -19.28 -7.00 -20.43
N PRO A 246 -18.59 -8.14 -20.29
CA PRO A 246 -18.98 -9.30 -21.11
C PRO A 246 -20.33 -9.88 -20.68
N THR A 247 -20.89 -9.43 -19.56
CA THR A 247 -22.19 -9.94 -19.09
C THR A 247 -23.35 -9.05 -19.53
N LYS A 248 -23.03 -7.95 -20.21
CA LYS A 248 -24.05 -7.00 -20.63
C LYS A 248 -24.65 -7.37 -21.99
N PRO A 249 -25.83 -6.82 -22.30
CA PRO A 249 -26.38 -6.88 -23.67
C PRO A 249 -25.27 -6.69 -24.71
N LEU A 250 -25.27 -7.53 -25.74
CA LEU A 250 -24.13 -7.64 -26.64
C LEU A 250 -23.68 -6.31 -27.24
N GLN A 251 -24.62 -5.43 -27.57
CA GLN A 251 -24.24 -4.18 -28.23
C GLN A 251 -23.38 -3.32 -27.31
N LEU A 252 -23.65 -3.38 -26.01
CA LEU A 252 -22.84 -2.69 -25.03
C LEU A 252 -21.46 -3.32 -24.94
N TYR A 253 -21.42 -4.64 -24.82
CA TYR A 253 -20.17 -5.39 -24.73
C TYR A 253 -19.31 -5.10 -25.97
N ARG A 254 -19.91 -5.09 -27.16
CA ARG A 254 -19.12 -4.85 -28.35
C ARG A 254 -18.44 -3.48 -28.30
N GLN A 255 -19.14 -2.45 -27.85
CA GLN A 255 -18.53 -1.14 -27.71
C GLN A 255 -17.43 -1.09 -26.63
N TRP A 256 -17.65 -1.80 -25.52
CA TRP A 256 -16.61 -1.86 -24.47
C TRP A 256 -15.34 -2.51 -25.00
N THR A 257 -15.50 -3.57 -25.80
CA THR A 257 -14.39 -4.28 -26.38
C THR A 257 -13.62 -3.35 -27.30
N ASP A 258 -14.35 -2.65 -28.17
CA ASP A 258 -13.69 -1.70 -29.08
C ASP A 258 -12.88 -0.67 -28.31
N ARG A 259 -13.41 -0.21 -27.18
CA ARG A 259 -12.76 0.84 -26.41
C ARG A 259 -11.52 0.34 -25.67
N ILE A 260 -11.61 -0.82 -25.03
CA ILE A 260 -10.45 -1.33 -24.32
C ILE A 260 -9.33 -1.66 -25.31
N MET A 261 -9.67 -2.16 -26.50
CA MET A 261 -8.61 -2.48 -27.44
C MET A 261 -7.93 -1.20 -27.93
N GLU A 262 -8.71 -0.14 -28.11
CA GLU A 262 -8.15 1.15 -28.51
C GLU A 262 -7.17 1.66 -27.46
N GLU A 263 -7.55 1.52 -26.19
CA GLU A 263 -6.68 1.97 -25.10
C GLU A 263 -5.45 1.08 -25.03
N PHE A 264 -5.63 -0.22 -25.12
CA PHE A 264 -4.50 -1.15 -25.11
C PHE A 264 -3.53 -0.86 -26.24
N PHE A 265 -4.06 -0.67 -27.45
CA PHE A 265 -3.20 -0.43 -28.60
C PHE A 265 -2.41 0.85 -28.42
N ARG A 266 -3.04 1.86 -27.81
CA ARG A 266 -2.33 3.11 -27.58
C ARG A 266 -1.15 2.89 -26.61
N GLN A 267 -1.34 2.04 -25.61
CA GLN A 267 -0.23 1.71 -24.72
C GLN A 267 0.88 0.95 -25.46
N GLY A 268 0.50 0.02 -26.32
CA GLY A 268 1.46 -0.75 -27.07
C GLY A 268 2.29 0.13 -28.00
N ASP A 269 1.63 1.14 -28.56
CA ASP A 269 2.31 2.13 -29.39
C ASP A 269 3.38 2.86 -28.58
N ARG A 270 3.07 3.18 -27.32
CA ARG A 270 4.03 3.85 -26.46
C ARG A 270 5.18 2.91 -26.14
N GLU A 271 4.87 1.64 -25.91
CA GLU A 271 5.91 0.64 -25.67
C GLU A 271 6.78 0.44 -26.89
N ARG A 272 6.16 0.32 -28.06
CA ARG A 272 6.90 0.10 -29.30
C ARG A 272 7.83 1.27 -29.57
N GLU A 273 7.35 2.48 -29.29
CA GLU A 273 8.14 3.69 -29.54
C GLU A 273 9.39 3.75 -28.65
N ARG A 274 9.31 3.18 -27.46
CA ARG A 274 10.43 3.23 -26.51
C ARG A 274 11.28 1.97 -26.58
N GLY A 275 11.03 1.13 -27.57
CA GLY A 275 11.79 -0.09 -27.77
C GLY A 275 11.53 -1.15 -26.71
N MET A 276 10.37 -1.05 -26.05
CA MET A 276 10.03 -1.99 -24.99
C MET A 276 9.29 -3.19 -25.58
N GLU A 277 9.36 -4.32 -24.89
CA GLU A 277 8.51 -5.45 -25.25
C GLU A 277 7.06 -4.97 -25.20
N ILE A 278 6.28 -5.25 -26.24
CA ILE A 278 4.89 -4.82 -26.23
C ILE A 278 4.07 -5.76 -25.35
N SER A 279 3.29 -5.18 -24.45
CA SER A 279 2.50 -5.97 -23.50
C SER A 279 1.50 -6.85 -24.22
N PRO A 280 1.23 -8.05 -23.66
CA PRO A 280 0.20 -8.94 -24.22
C PRO A 280 -1.08 -8.20 -24.58
N MET A 281 -1.59 -8.46 -25.79
CA MET A 281 -2.83 -7.85 -26.31
C MET A 281 -2.75 -6.35 -26.59
N CYS A 282 -1.56 -5.77 -26.54
CA CYS A 282 -1.40 -4.33 -26.83
C CYS A 282 -0.76 -4.04 -28.18
N ASP A 283 -0.57 -5.05 -29.00
CA ASP A 283 0.06 -4.86 -30.31
C ASP A 283 -0.99 -4.83 -31.42
N LYS A 284 -1.29 -3.63 -31.91
CA LYS A 284 -2.32 -3.48 -32.95
C LYS A 284 -1.94 -4.23 -34.22
N HIS A 285 -0.64 -4.47 -34.40
CA HIS A 285 -0.17 -5.14 -35.61
C HIS A 285 -0.32 -6.65 -35.52
N ASN A 286 -0.56 -7.15 -34.30
CA ASN A 286 -0.64 -8.59 -34.06
C ASN A 286 -1.65 -8.90 -32.98
N ALA A 287 -2.90 -8.59 -33.26
CA ALA A 287 -3.96 -8.75 -32.27
C ALA A 287 -4.96 -9.80 -32.73
N SER A 288 -5.56 -10.47 -31.75
CA SER A 288 -6.65 -11.38 -32.01
C SER A 288 -7.77 -11.00 -31.06
N VAL A 289 -8.42 -9.87 -31.35
CA VAL A 289 -9.41 -9.29 -30.44
C VAL A 289 -10.49 -10.28 -30.00
N GLU A 290 -11.05 -11.02 -30.95
CA GLU A 290 -12.15 -11.92 -30.64
C GLU A 290 -11.68 -13.10 -29.78
N LYS A 291 -10.57 -13.69 -30.17
CA LYS A 291 -9.97 -14.78 -29.41
C LYS A 291 -9.61 -14.31 -28.00
N SER A 292 -9.14 -13.08 -27.89
CA SER A 292 -8.74 -12.56 -26.59
C SER A 292 -9.95 -12.38 -25.67
N GLN A 293 -11.08 -11.95 -26.24
CA GLN A 293 -12.31 -11.85 -25.46
C GLN A 293 -12.77 -13.22 -24.98
N VAL A 294 -12.66 -14.24 -25.83
CA VAL A 294 -13.09 -15.56 -25.38
C VAL A 294 -12.21 -16.04 -24.23
N GLY A 295 -10.90 -15.80 -24.35
CA GLY A 295 -9.96 -16.17 -23.30
C GLY A 295 -10.23 -15.42 -22.00
N PHE A 296 -10.58 -14.14 -22.15
CA PHE A 296 -10.94 -13.26 -21.03
C PHE A 296 -12.13 -13.85 -20.25
N ILE A 297 -13.12 -14.31 -21.00
CA ILE A 297 -14.30 -14.91 -20.40
C ILE A 297 -13.96 -16.25 -19.75
N ASP A 298 -13.25 -17.10 -20.48
CA ASP A 298 -12.95 -18.44 -19.95
C ASP A 298 -12.08 -18.44 -18.69
N TYR A 299 -11.11 -17.54 -18.61
CA TYR A 299 -10.14 -17.60 -17.52
C TYR A 299 -10.36 -16.57 -16.40
N ILE A 300 -11.10 -15.51 -16.69
CA ILE A 300 -11.30 -14.48 -15.67
C ILE A 300 -12.77 -14.22 -15.37
N VAL A 301 -13.53 -13.81 -16.37
CA VAL A 301 -14.89 -13.31 -16.15
C VAL A 301 -15.90 -14.39 -15.79
N HIS A 302 -15.89 -15.52 -16.49
CA HIS A 302 -16.84 -16.58 -16.16
C HIS A 302 -16.53 -17.22 -14.79
N PRO A 303 -15.26 -17.55 -14.53
CA PRO A 303 -14.98 -18.09 -13.19
C PRO A 303 -15.43 -17.16 -12.07
N LEU A 304 -15.27 -15.84 -12.25
CA LEU A 304 -15.71 -14.88 -11.23
C LEU A 304 -17.23 -14.85 -11.11
N TRP A 305 -17.91 -14.71 -12.24
CA TRP A 305 -19.35 -14.52 -12.22
C TRP A 305 -20.10 -15.80 -11.87
N GLU A 306 -19.53 -16.95 -12.22
CA GLU A 306 -20.13 -18.22 -11.83
C GLU A 306 -20.11 -18.32 -10.30
N THR A 307 -19.05 -17.81 -9.69
CA THR A 307 -18.94 -17.84 -8.24
C THR A 307 -19.90 -16.83 -7.58
N TRP A 308 -19.97 -15.62 -8.12
CA TRP A 308 -20.96 -14.64 -7.65
C TRP A 308 -22.37 -15.20 -7.79
N ALA A 309 -22.64 -15.84 -8.92
CA ALA A 309 -23.96 -16.41 -9.19
C ALA A 309 -24.31 -17.43 -8.11
N ASP A 310 -23.31 -18.17 -7.67
CA ASP A 310 -23.50 -19.16 -6.62
C ASP A 310 -23.85 -18.50 -5.31
N LEU A 311 -23.13 -17.42 -5.00
CA LEU A 311 -23.37 -16.68 -3.77
C LEU A 311 -24.81 -16.20 -3.67
N VAL A 312 -25.37 -15.70 -4.78
CA VAL A 312 -26.69 -15.09 -4.76
C VAL A 312 -27.74 -15.92 -5.48
N HIS A 313 -27.46 -17.20 -5.68
CA HIS A 313 -28.33 -18.09 -6.46
C HIS A 313 -29.80 -17.94 -6.06
N PRO A 314 -30.70 -17.78 -7.04
CA PRO A 314 -30.45 -17.79 -8.49
C PRO A 314 -30.47 -16.40 -9.11
N ASP A 315 -30.21 -15.37 -8.30
CA ASP A 315 -30.38 -13.98 -8.71
C ASP A 315 -29.63 -13.60 -9.99
N ALA A 316 -28.49 -14.24 -10.21
CA ALA A 316 -27.59 -13.84 -11.29
C ALA A 316 -27.68 -14.77 -12.50
N GLN A 317 -28.69 -15.63 -12.53
CA GLN A 317 -28.77 -16.62 -13.60
C GLN A 317 -28.82 -16.01 -15.01
N ASP A 318 -29.59 -14.92 -15.16
CA ASP A 318 -29.74 -14.25 -16.45
C ASP A 318 -28.42 -13.64 -16.91
N ILE A 319 -27.70 -13.06 -15.96
CA ILE A 319 -26.41 -12.43 -16.24
C ILE A 319 -25.41 -13.48 -16.72
N LEU A 320 -25.43 -14.65 -16.08
CA LEU A 320 -24.57 -15.75 -16.46
C LEU A 320 -24.93 -16.28 -17.86
N ASP A 321 -26.23 -16.42 -18.13
CA ASP A 321 -26.70 -16.85 -19.45
C ASP A 321 -26.25 -15.90 -20.56
N THR A 322 -26.32 -14.60 -20.28
CA THR A 322 -25.91 -13.59 -21.26
C THR A 322 -24.41 -13.65 -21.51
N LEU A 323 -23.64 -13.82 -20.44
CA LEU A 323 -22.21 -14.05 -20.57
C LEU A 323 -21.91 -15.20 -21.51
N GLU A 324 -22.63 -16.30 -21.34
CA GLU A 324 -22.35 -17.48 -22.16
C GLU A 324 -22.72 -17.22 -23.62
N ASP A 325 -23.85 -16.56 -23.86
CA ASP A 325 -24.25 -16.17 -25.21
C ASP A 325 -23.20 -15.25 -25.86
N ASN A 326 -22.70 -14.29 -25.09
CA ASN A 326 -21.71 -13.35 -25.61
C ASN A 326 -20.37 -14.01 -25.90
N ARG A 327 -20.00 -15.02 -25.11
CA ARG A 327 -18.79 -15.77 -25.39
C ARG A 327 -18.90 -16.36 -26.80
N GLU A 328 -20.09 -16.85 -27.11
CA GLU A 328 -20.29 -17.53 -28.38
C GLU A 328 -20.25 -16.54 -29.53
N TRP A 329 -20.68 -15.30 -29.30
CA TRP A 329 -20.56 -14.27 -30.32
C TRP A 329 -19.10 -14.05 -30.72
N TYR A 330 -18.21 -13.91 -29.74
CA TYR A 330 -16.81 -13.66 -30.08
C TYR A 330 -16.17 -14.91 -30.63
N GLN A 331 -16.52 -16.08 -30.11
CA GLN A 331 -16.11 -17.34 -30.71
C GLN A 331 -16.44 -17.40 -32.21
N SER A 332 -17.68 -17.06 -32.53
CA SER A 332 -18.19 -17.17 -33.90
CA SER A 332 -18.18 -17.18 -33.90
C SER A 332 -17.61 -16.11 -34.82
N THR A 333 -16.93 -15.12 -34.25
CA THR A 333 -16.37 -14.06 -35.07
C THR A 333 -14.84 -14.12 -35.13
N ILE A 334 -14.23 -15.14 -34.55
CA ILE A 334 -12.82 -15.36 -34.77
C ILE A 334 -12.57 -15.63 -36.25
N PRO A 335 -11.65 -14.87 -36.87
CA PRO A 335 -11.38 -15.16 -38.28
C PRO A 335 -10.70 -16.51 -38.48
N ASP B 14 41.81 11.17 13.08
CA ASP B 14 41.96 11.63 14.45
C ASP B 14 41.13 10.80 15.42
N VAL B 15 40.44 11.48 16.33
CA VAL B 15 39.51 10.83 17.23
C VAL B 15 38.17 10.68 16.50
N LEU B 16 38.21 10.03 15.35
CA LEU B 16 37.02 9.63 14.61
C LEU B 16 37.33 8.33 13.91
N ALA B 17 38.52 8.27 13.30
CA ALA B 17 39.01 7.04 12.70
C ALA B 17 39.14 5.96 13.76
N LYS B 18 39.49 6.37 14.99
CA LYS B 18 39.64 5.42 16.09
C LYS B 18 38.27 4.90 16.55
N GLU B 19 37.28 5.80 16.61
CA GLU B 19 35.94 5.38 16.99
C GLU B 19 35.35 4.49 15.91
N LEU B 20 35.65 4.83 14.65
CA LEU B 20 35.14 4.08 13.51
C LEU B 20 35.80 2.70 13.40
N GLU B 21 36.82 2.46 14.23
CA GLU B 21 37.44 1.14 14.30
C GLU B 21 36.47 0.13 14.91
N ASP B 22 35.49 0.64 15.65
CA ASP B 22 34.48 -0.18 16.31
C ASP B 22 33.27 -0.49 15.41
N VAL B 23 33.36 -0.16 14.12
CA VAL B 23 32.19 -0.23 13.25
C VAL B 23 31.63 -1.65 13.09
N ASN B 24 32.45 -2.65 13.33
CA ASN B 24 31.97 -4.04 13.26
C ASN B 24 31.51 -4.57 14.62
N LYS B 25 31.36 -3.68 15.59
CA LYS B 25 30.99 -4.08 16.94
C LYS B 25 29.65 -3.54 17.39
N TRP B 26 28.86 -4.41 18.03
CA TRP B 26 27.64 -3.97 18.70
C TRP B 26 28.00 -2.95 19.77
N GLY B 27 27.37 -1.78 19.74
CA GLY B 27 27.62 -0.80 20.80
C GLY B 27 28.58 0.29 20.40
N LEU B 28 28.82 0.41 19.10
CA LEU B 28 29.54 1.56 18.54
C LEU B 28 29.06 2.88 19.15
N HIS B 29 29.98 3.79 19.45
CA HIS B 29 29.61 5.06 20.07
C HIS B 29 29.10 6.01 19.01
N VAL B 30 27.86 5.83 18.58
CA VAL B 30 27.35 6.55 17.40
C VAL B 30 27.12 8.03 17.69
N PHE B 31 26.81 8.35 18.94
CA PHE B 31 26.60 9.74 19.31
C PHE B 31 27.90 10.53 19.26
N ARG B 32 28.98 9.86 19.62
CA ARG B 32 30.32 10.43 19.53
C ARG B 32 30.72 10.63 18.08
N ILE B 33 30.45 9.62 17.26
CA ILE B 33 30.70 9.73 15.82
C ILE B 33 29.91 10.89 15.21
N ALA B 34 28.68 11.09 15.67
CA ALA B 34 27.85 12.22 15.22
C ALA B 34 28.51 13.55 15.52
N GLU B 35 28.89 13.74 16.78
CA GLU B 35 29.60 14.94 17.22
C GLU B 35 30.87 15.18 16.41
N LEU B 36 31.72 14.16 16.35
CA LEU B 36 33.02 14.29 15.71
C LEU B 36 32.98 14.53 14.20
N SER B 37 31.96 14.01 13.51
CA SER B 37 31.86 14.15 12.07
C SER B 37 31.16 15.43 11.65
N GLY B 38 30.79 16.25 12.63
CA GLY B 38 30.09 17.49 12.33
C GLY B 38 28.64 17.19 11.96
N ASN B 39 28.03 16.30 12.71
CA ASN B 39 26.65 15.85 12.49
C ASN B 39 26.49 15.13 11.15
N ARG B 40 27.47 14.31 10.80
CA ARG B 40 27.38 13.50 9.59
C ARG B 40 27.55 12.00 9.89
N PRO B 41 26.89 11.50 10.94
CA PRO B 41 27.09 10.09 11.28
C PRO B 41 26.62 9.14 10.17
N LEU B 42 25.52 9.47 9.50
CA LEU B 42 25.01 8.59 8.46
C LEU B 42 26.00 8.49 7.32
N THR B 43 26.52 9.63 6.89
CA THR B 43 27.48 9.67 5.78
C THR B 43 28.76 8.91 6.11
N VAL B 44 29.34 9.20 7.27
CA VAL B 44 30.62 8.58 7.63
C VAL B 44 30.46 7.09 7.88
N ILE B 45 29.42 6.70 8.59
CA ILE B 45 29.21 5.29 8.89
C ILE B 45 28.87 4.47 7.62
N MET B 46 28.02 5.00 6.74
CA MET B 46 27.72 4.31 5.48
C MET B 46 28.98 4.18 4.63
N HIS B 47 29.72 5.27 4.51
CA HIS B 47 30.97 5.26 3.75
C HIS B 47 31.92 4.18 4.27
N THR B 48 32.14 4.18 5.59
CA THR B 48 33.00 3.20 6.23
C THR B 48 32.57 1.78 5.93
N ILE B 49 31.26 1.51 6.06
CA ILE B 49 30.75 0.17 5.85
C ILE B 49 30.82 -0.25 4.38
N PHE B 50 30.63 0.70 3.46
CA PHE B 50 30.70 0.37 2.05
C PHE B 50 32.13 -0.03 1.67
N GLN B 51 33.10 0.67 2.25
CA GLN B 51 34.51 0.34 2.01
CA GLN B 51 34.51 0.34 2.03
C GLN B 51 34.87 -0.98 2.68
N GLU B 52 34.40 -1.15 3.92
CA GLU B 52 34.68 -2.38 4.67
C GLU B 52 34.18 -3.61 3.94
N ARG B 53 33.03 -3.49 3.29
CA ARG B 53 32.43 -4.60 2.57
C ARG B 53 32.77 -4.59 1.07
N ASP B 54 33.64 -3.68 0.67
CA ASP B 54 34.11 -3.59 -0.71
C ASP B 54 32.97 -3.36 -1.70
N LEU B 55 31.94 -2.65 -1.24
CA LEU B 55 30.73 -2.48 -2.05
C LEU B 55 30.95 -1.52 -3.23
N LEU B 56 31.84 -0.54 -3.07
CA LEU B 56 32.13 0.41 -4.14
C LEU B 56 32.74 -0.32 -5.33
N LYS B 57 33.70 -1.20 -5.06
CA LYS B 57 34.32 -1.97 -6.12
C LYS B 57 33.35 -2.94 -6.74
N THR B 58 32.66 -3.71 -5.90
CA THR B 58 31.75 -4.74 -6.37
C THR B 58 30.65 -4.20 -7.28
N PHE B 59 30.16 -3.01 -6.97
CA PHE B 59 29.05 -2.45 -7.73
C PHE B 59 29.45 -1.21 -8.50
N LYS B 60 30.77 -1.01 -8.63
CA LYS B 60 31.33 0.06 -9.43
C LYS B 60 30.69 1.39 -9.09
N ILE B 61 30.61 1.68 -7.79
CA ILE B 61 30.04 2.92 -7.30
C ILE B 61 31.11 3.99 -7.22
N PRO B 62 30.98 5.06 -8.02
CA PRO B 62 31.90 6.19 -7.91
C PRO B 62 31.86 6.75 -6.50
N VAL B 63 33.02 6.98 -5.90
CA VAL B 63 33.07 7.38 -4.51
C VAL B 63 32.44 8.76 -4.30
N ASP B 64 32.62 9.65 -5.27
CA ASP B 64 32.04 10.99 -5.13
C ASP B 64 30.51 10.94 -5.25
N THR B 65 30.02 9.98 -6.03
CA THR B 65 28.59 9.76 -6.16
C THR B 65 27.99 9.26 -4.85
N LEU B 66 28.64 8.25 -4.28
CA LEU B 66 28.20 7.72 -2.98
C LEU B 66 28.11 8.83 -1.94
N ILE B 67 29.17 9.62 -1.81
CA ILE B 67 29.18 10.68 -0.80
C ILE B 67 28.13 11.74 -1.09
N THR B 68 27.94 12.05 -2.37
CA THR B 68 26.96 13.08 -2.72
C THR B 68 25.57 12.61 -2.33
N TYR B 69 25.26 11.36 -2.67
CA TYR B 69 23.96 10.81 -2.27
C TYR B 69 23.81 10.78 -0.75
N LEU B 70 24.83 10.27 -0.06
CA LEU B 70 24.72 10.09 1.39
C LEU B 70 24.47 11.42 2.09
N MET B 71 25.15 12.47 1.63
CA MET B 71 24.99 13.77 2.27
CA MET B 71 24.99 13.78 2.25
C MET B 71 23.61 14.36 2.01
N THR B 72 23.08 14.16 0.80
CA THR B 72 21.74 14.61 0.46
CA THR B 72 21.74 14.66 0.51
C THR B 72 20.70 13.82 1.26
N LEU B 73 20.92 12.50 1.35
CA LEU B 73 20.05 11.65 2.16
C LEU B 73 20.05 12.13 3.62
N GLU B 74 21.24 12.32 4.18
CA GLU B 74 21.35 12.76 5.57
C GLU B 74 20.67 14.12 5.78
N ASP B 75 20.81 15.01 4.80
CA ASP B 75 20.12 16.30 4.83
C ASP B 75 18.59 16.17 4.93
N HIS B 76 18.06 15.04 4.48
CA HIS B 76 16.61 14.87 4.44
C HIS B 76 16.06 14.16 5.69
N TYR B 77 16.96 13.85 6.64
CA TYR B 77 16.55 13.57 8.02
C TYR B 77 16.48 14.90 8.78
N HIS B 78 15.46 15.05 9.61
CA HIS B 78 15.18 16.34 10.25
C HIS B 78 16.00 16.53 11.52
N ALA B 79 16.78 17.62 11.55
CA ALA B 79 17.59 17.92 12.71
C ALA B 79 16.75 18.20 13.95
N ASP B 80 15.53 18.71 13.75
CA ASP B 80 14.69 19.10 14.88
C ASP B 80 13.78 17.99 15.39
N VAL B 81 13.91 16.80 14.81
CA VAL B 81 13.17 15.63 15.28
C VAL B 81 14.10 14.85 16.21
N ALA B 82 13.67 14.66 17.46
CA ALA B 82 14.58 14.21 18.52
C ALA B 82 15.08 12.78 18.35
N TYR B 83 14.21 11.88 17.88
CA TYR B 83 14.64 10.48 17.76
C TYR B 83 14.84 10.08 16.30
N HIS B 84 13.80 10.28 15.48
CA HIS B 84 13.85 9.80 14.11
C HIS B 84 14.63 10.72 13.20
N ASN B 85 15.93 10.75 13.43
CA ASN B 85 16.84 11.61 12.69
C ASN B 85 18.02 10.81 12.12
N ASN B 86 19.01 11.51 11.59
CA ASN B 86 20.14 10.86 10.95
C ASN B 86 20.96 9.97 11.89
N ILE B 87 20.94 10.27 13.19
CA ILE B 87 21.67 9.43 14.12
C ILE B 87 20.99 8.07 14.26
N HIS B 88 19.66 8.07 14.35
CA HIS B 88 18.91 6.80 14.35
C HIS B 88 19.19 6.04 13.06
N ALA B 89 19.11 6.71 11.92
CA ALA B 89 19.40 6.04 10.66
C ALA B 89 20.81 5.44 10.67
N ALA B 90 21.80 6.23 11.10
CA ALA B 90 23.17 5.71 11.17
C ALA B 90 23.26 4.49 12.09
N ASP B 91 22.52 4.53 13.21
CA ASP B 91 22.51 3.44 14.18
C ASP B 91 21.90 2.16 13.58
N VAL B 92 20.81 2.32 12.84
CA VAL B 92 20.15 1.14 12.27
C VAL B 92 21.03 0.54 11.17
N VAL B 93 21.64 1.40 10.35
CA VAL B 93 22.62 0.95 9.36
C VAL B 93 23.74 0.13 9.99
N GLN B 94 24.35 0.65 11.05
CA GLN B 94 25.49 -0.02 11.66
C GLN B 94 25.07 -1.32 12.33
N SER B 95 23.88 -1.32 12.93
CA SER B 95 23.37 -2.52 13.59
C SER B 95 23.07 -3.62 12.60
N THR B 96 22.44 -3.25 11.47
CA THR B 96 22.20 -4.19 10.41
C THR B 96 23.52 -4.75 9.90
N HIS B 97 24.50 -3.87 9.75
CA HIS B 97 25.84 -4.27 9.32
C HIS B 97 26.45 -5.34 10.24
N VAL B 98 26.28 -5.18 11.55
CA VAL B 98 26.76 -6.22 12.46
C VAL B 98 25.97 -7.51 12.31
N LEU B 99 24.64 -7.40 12.23
CA LEU B 99 23.78 -8.58 12.16
C LEU B 99 24.02 -9.40 10.88
N LEU B 100 24.34 -8.70 9.80
CA LEU B 100 24.61 -9.36 8.52
C LEU B 100 25.79 -10.32 8.62
N SER B 101 26.70 -10.01 9.54
CA SER B 101 27.93 -10.78 9.65
C SER B 101 27.84 -11.88 10.68
N THR B 102 26.63 -12.16 11.15
CA THR B 102 26.45 -13.16 12.20
C THR B 102 26.80 -14.55 11.65
N PRO B 103 27.58 -15.34 12.41
CA PRO B 103 28.11 -16.62 11.90
C PRO B 103 27.04 -17.52 11.28
N ALA B 104 25.86 -17.56 11.87
CA ALA B 104 24.79 -18.41 11.37
C ALA B 104 24.34 -18.03 9.95
N LEU B 105 24.75 -16.86 9.50
CA LEU B 105 24.35 -16.40 8.17
C LEU B 105 25.52 -16.30 7.20
N GLU B 106 26.67 -16.89 7.56
CA GLU B 106 27.87 -16.72 6.75
C GLU B 106 27.70 -17.29 5.35
N ALA B 107 28.03 -16.47 4.36
CA ALA B 107 27.94 -16.87 2.95
C ALA B 107 26.50 -17.19 2.50
N VAL B 108 25.51 -16.72 3.25
CA VAL B 108 24.13 -16.95 2.86
C VAL B 108 23.64 -15.92 1.85
N PHE B 109 23.92 -14.65 2.11
CA PHE B 109 23.39 -13.57 1.29
C PHE B 109 24.33 -13.09 0.20
N THR B 110 23.77 -12.80 -0.96
CA THR B 110 24.53 -12.28 -2.07
C THR B 110 24.95 -10.85 -1.76
N ASP B 111 25.92 -10.33 -2.52
CA ASP B 111 26.37 -8.96 -2.31
C ASP B 111 25.22 -7.99 -2.56
N LEU B 112 24.33 -8.35 -3.48
CA LEU B 112 23.21 -7.49 -3.82
C LEU B 112 22.22 -7.42 -2.65
N GLU B 113 22.02 -8.55 -2.00
CA GLU B 113 21.11 -8.65 -0.86
C GLU B 113 21.67 -7.87 0.33
N ILE B 114 22.98 -7.99 0.54
CA ILE B 114 23.69 -7.17 1.54
C ILE B 114 23.53 -5.68 1.26
N LEU B 115 23.75 -5.28 0.01
CA LEU B 115 23.60 -3.89 -0.38
C LEU B 115 22.17 -3.41 -0.13
N ALA B 116 21.19 -4.26 -0.44
CA ALA B 116 19.80 -3.90 -0.25
C ALA B 116 19.47 -3.69 1.23
N ALA B 117 19.96 -4.57 2.09
CA ALA B 117 19.65 -4.48 3.52
C ALA B 117 20.25 -3.22 4.11
N ILE B 118 21.47 -2.89 3.67
CA ILE B 118 22.15 -1.73 4.21
C ILE B 118 21.52 -0.44 3.65
N PHE B 119 21.21 -0.42 2.36
CA PHE B 119 20.56 0.74 1.76
C PHE B 119 19.18 0.98 2.40
N ALA B 120 18.41 -0.09 2.57
CA ALA B 120 17.12 0.01 3.22
C ALA B 120 17.26 0.62 4.62
N SER B 121 18.21 0.13 5.39
CA SER B 121 18.45 0.68 6.72
C SER B 121 18.75 2.18 6.65
N ALA B 122 19.55 2.59 5.68
CA ALA B 122 19.94 4.01 5.60
C ALA B 122 18.77 4.93 5.29
N ILE B 123 17.86 4.50 4.41
CA ILE B 123 16.73 5.34 4.03
C ILE B 123 15.45 5.11 4.87
N HIS B 124 15.47 4.17 5.81
CA HIS B 124 14.20 3.59 6.28
C HIS B 124 13.32 4.57 7.06
N ASP B 125 13.88 5.68 7.55
CA ASP B 125 13.09 6.68 8.26
C ASP B 125 13.26 8.09 7.68
N VAL B 126 13.68 8.21 6.43
CA VAL B 126 14.06 9.53 5.93
C VAL B 126 12.83 10.46 5.84
N ASP B 127 13.04 11.74 6.15
CA ASP B 127 11.98 12.75 6.16
C ASP B 127 10.87 12.44 7.16
N HIS B 128 11.22 11.73 8.23
CA HIS B 128 10.28 11.44 9.29
C HIS B 128 9.89 12.72 10.00
N PRO B 129 8.58 12.98 10.16
CA PRO B 129 8.11 14.24 10.77
C PRO B 129 8.07 14.24 12.31
N GLY B 130 8.40 13.12 12.94
CA GLY B 130 8.39 13.07 14.39
C GLY B 130 7.06 12.75 15.02
N VAL B 131 6.11 12.34 14.19
CA VAL B 131 4.81 11.90 14.67
C VAL B 131 4.48 10.55 14.02
N SER B 132 3.58 9.82 14.66
CA SER B 132 3.26 8.46 14.25
C SER B 132 2.33 8.38 13.05
N ASN B 133 2.26 7.19 12.45
CA ASN B 133 1.22 6.93 11.46
C ASN B 133 -0.17 7.25 12.01
N GLN B 134 -0.48 6.81 13.23
CA GLN B 134 -1.83 7.01 13.75
C GLN B 134 -2.13 8.50 13.90
N PHE B 135 -1.13 9.29 14.32
CA PHE B 135 -1.31 10.75 14.39
C PHE B 135 -1.61 11.34 13.03
N LEU B 136 -0.85 10.91 12.04
CA LEU B 136 -1.04 11.40 10.67
C LEU B 136 -2.43 11.01 10.14
N ILE B 137 -2.88 9.81 10.47
CA ILE B 137 -4.21 9.38 10.05
C ILE B 137 -5.27 10.20 10.78
N ASN B 138 -5.12 10.30 12.10
CA ASN B 138 -6.15 10.95 12.91
C ASN B 138 -6.30 12.44 12.63
N THR B 139 -5.24 13.09 12.15
CA THR B 139 -5.30 14.52 11.84
C THR B 139 -5.53 14.80 10.36
N ASN B 140 -5.91 13.77 9.61
CA ASN B 140 -6.21 13.93 8.19
C ASN B 140 -5.08 14.62 7.43
N SER B 141 -3.86 14.20 7.73
CA SER B 141 -2.69 14.76 7.07
C SER B 141 -2.65 14.46 5.58
N GLU B 142 -1.91 15.28 4.86
CA GLU B 142 -1.69 15.07 3.43
C GLU B 142 -0.97 13.76 3.15
N LEU B 143 -0.10 13.35 4.07
CA LEU B 143 0.63 12.10 3.89
C LEU B 143 -0.34 10.93 3.96
N ALA B 144 -1.23 10.95 4.93
CA ALA B 144 -2.20 9.87 5.10
C ALA B 144 -3.20 9.85 3.94
N LEU B 145 -3.50 11.01 3.39
CA LEU B 145 -4.38 11.11 2.22
C LEU B 145 -3.70 10.46 1.01
N MET B 146 -2.42 10.76 0.82
CA MET B 146 -1.66 10.20 -0.28
CA MET B 146 -1.67 10.21 -0.29
C MET B 146 -1.60 8.68 -0.20
N TYR B 147 -1.38 8.16 1.00
CA TYR B 147 -1.13 6.73 1.16
C TYR B 147 -2.28 5.90 1.73
N ASN B 148 -3.49 6.47 1.74
CA ASN B 148 -4.68 5.71 2.10
C ASN B 148 -4.57 4.99 3.44
N ASP B 149 -3.98 5.73 4.39
CA ASP B 149 -3.83 5.29 5.78
C ASP B 149 -3.00 4.03 6.01
N SER B 150 -2.29 3.56 4.99
CA SER B 150 -1.61 2.26 5.04
C SER B 150 -0.09 2.40 4.98
N SER B 151 0.61 2.02 6.05
CA SER B 151 2.06 2.22 6.15
C SER B 151 2.44 3.60 5.62
N VAL B 152 1.80 4.64 6.17
CA VAL B 152 1.91 5.98 5.61
C VAL B 152 3.37 6.44 5.58
N LEU B 153 4.00 6.41 6.75
CA LEU B 153 5.38 6.86 6.88
C LEU B 153 6.34 6.00 6.06
N GLU B 154 6.17 4.69 6.13
CA GLU B 154 7.12 3.77 5.51
C GLU B 154 7.08 3.87 4.00
N ASN B 155 5.88 4.02 3.44
CA ASN B 155 5.78 4.25 2.00
C ASN B 155 6.51 5.54 1.63
N HIS B 156 6.34 6.56 2.46
CA HIS B 156 6.93 7.87 2.22
C HIS B 156 8.46 7.81 2.33
N HIS B 157 8.98 7.11 3.33
CA HIS B 157 10.44 6.96 3.45
C HIS B 157 11.02 6.34 2.19
N LEU B 158 10.37 5.30 1.69
CA LEU B 158 10.83 4.65 0.47
C LEU B 158 10.80 5.60 -0.72
N ALA B 159 9.68 6.30 -0.91
CA ALA B 159 9.56 7.23 -2.03
C ALA B 159 10.67 8.29 -1.99
N VAL B 160 10.89 8.88 -0.82
CA VAL B 160 11.91 9.92 -0.73
C VAL B 160 13.30 9.32 -0.93
N GLY B 161 13.59 8.22 -0.25
CA GLY B 161 14.88 7.57 -0.39
C GLY B 161 15.28 7.28 -1.83
N PHE B 162 14.35 6.73 -2.60
CA PHE B 162 14.56 6.44 -4.01
C PHE B 162 14.59 7.72 -4.84
N LYS B 163 13.69 8.65 -4.54
CA LYS B 163 13.60 9.91 -5.29
C LYS B 163 14.94 10.66 -5.29
N LEU B 164 15.67 10.58 -4.17
CA LEU B 164 16.93 11.32 -4.03
C LEU B 164 18.05 10.78 -4.93
N LEU B 165 17.91 9.54 -5.38
CA LEU B 165 18.84 8.95 -6.33
C LEU B 165 18.85 9.72 -7.65
N GLN B 166 17.79 10.48 -7.88
CA GLN B 166 17.61 11.27 -9.11
C GLN B 166 18.40 12.59 -9.13
N GLU B 167 18.81 13.05 -7.96
CA GLU B 167 19.53 14.31 -7.89
CA GLU B 167 19.55 14.30 -7.86
C GLU B 167 20.90 14.18 -8.56
N GLU B 168 21.51 15.32 -8.87
CA GLU B 168 22.75 15.34 -9.64
C GLU B 168 23.88 14.54 -8.98
N ASN B 169 24.42 13.59 -9.73
CA ASN B 169 25.50 12.71 -9.27
C ASN B 169 25.13 11.93 -8.01
N CYS B 170 23.87 11.52 -7.92
CA CYS B 170 23.40 10.78 -6.75
C CYS B 170 23.03 9.34 -7.05
N ASP B 171 23.03 8.93 -8.32
CA ASP B 171 22.62 7.55 -8.61
C ASP B 171 23.74 6.55 -8.31
N ILE B 172 23.78 6.09 -7.07
CA ILE B 172 24.80 5.15 -6.67
C ILE B 172 24.61 3.80 -7.32
N PHE B 173 23.43 3.57 -7.91
CA PHE B 173 23.17 2.27 -8.51
C PHE B 173 23.34 2.31 -10.03
N GLN B 174 23.99 3.35 -10.53
CA GLN B 174 24.04 3.60 -11.97
C GLN B 174 24.68 2.46 -12.75
N ASN B 175 25.59 1.72 -12.12
CA ASN B 175 26.33 0.67 -12.82
C ASN B 175 25.85 -0.75 -12.48
N LEU B 176 24.71 -0.86 -11.81
CA LEU B 176 24.04 -2.15 -11.69
C LEU B 176 23.32 -2.46 -13.00
N THR B 177 23.17 -3.74 -13.30
CA THR B 177 22.39 -4.17 -14.44
C THR B 177 20.93 -3.82 -14.19
N LYS B 178 20.10 -3.83 -15.23
CA LYS B 178 18.70 -3.53 -15.05
C LYS B 178 18.06 -4.55 -14.12
N LYS B 179 18.46 -5.80 -14.28
CA LYS B 179 17.97 -6.89 -13.42
C LYS B 179 18.36 -6.69 -11.96
N GLN B 180 19.60 -6.24 -11.74
CA GLN B 180 20.07 -6.00 -10.38
C GLN B 180 19.32 -4.84 -9.73
N ARG B 181 19.12 -3.77 -10.47
CA ARG B 181 18.38 -2.62 -9.97
C ARG B 181 16.95 -3.00 -9.63
N GLN B 182 16.32 -3.81 -10.48
CA GLN B 182 14.95 -4.22 -10.23
C GLN B 182 14.84 -5.11 -8.98
N SER B 183 15.81 -6.02 -8.82
CA SER B 183 15.80 -6.89 -7.66
C SER B 183 16.09 -6.10 -6.37
N LEU B 184 17.06 -5.19 -6.45
CA LEU B 184 17.39 -4.32 -5.34
C LEU B 184 16.20 -3.47 -4.91
N ARG B 185 15.52 -2.87 -5.88
CA ARG B 185 14.38 -2.03 -5.55
C ARG B 185 13.31 -2.86 -4.84
N LYS B 186 13.01 -4.05 -5.34
CA LYS B 186 11.98 -4.88 -4.72
C LYS B 186 12.36 -5.25 -3.28
N MET B 187 13.60 -5.68 -3.08
CA MET B 187 14.02 -6.08 -1.73
C MET B 187 13.97 -4.90 -0.77
N VAL B 188 14.39 -3.72 -1.21
CA VAL B 188 14.42 -2.56 -0.32
C VAL B 188 12.99 -2.16 0.08
N ILE B 189 12.07 -2.23 -0.87
CA ILE B 189 10.69 -1.92 -0.55
C ILE B 189 10.14 -2.93 0.45
N ASP B 190 10.39 -4.21 0.19
CA ASP B 190 9.91 -5.27 1.08
C ASP B 190 10.46 -5.07 2.49
N ILE B 191 11.71 -4.63 2.59
CA ILE B 191 12.36 -4.44 3.88
C ILE B 191 11.81 -3.21 4.62
N VAL B 192 11.74 -2.06 3.96
CA VAL B 192 11.30 -0.87 4.68
C VAL B 192 9.82 -0.96 5.08
N LEU B 193 8.98 -1.57 4.24
CA LEU B 193 7.58 -1.74 4.63
C LEU B 193 7.44 -2.62 5.89
N ALA B 194 8.35 -3.56 6.08
CA ALA B 194 8.34 -4.40 7.28
C ALA B 194 8.76 -3.65 8.56
N THR B 195 9.21 -2.39 8.45
CA THR B 195 9.53 -1.63 9.65
C THR B 195 8.30 -0.95 10.27
N ASP B 196 7.17 -1.00 9.56
CA ASP B 196 5.89 -0.55 10.09
C ASP B 196 5.50 -1.39 11.30
N MET B 197 5.33 -0.76 12.46
CA MET B 197 5.08 -1.53 13.68
C MET B 197 3.73 -2.23 13.66
N SER B 198 2.81 -1.79 12.81
CA SER B 198 1.52 -2.47 12.75
C SER B 198 1.70 -3.86 12.14
N LYS B 199 2.85 -4.10 11.52
CA LYS B 199 3.11 -5.43 10.97
C LYS B 199 3.92 -6.31 11.92
N HIS B 200 4.27 -5.78 13.10
CA HIS B 200 5.19 -6.47 14.00
C HIS B 200 4.70 -7.86 14.42
N MET B 201 3.46 -7.95 14.89
CA MET B 201 2.97 -9.23 15.40
C MET B 201 2.91 -10.31 14.32
N ASN B 202 2.53 -9.93 13.10
CA ASN B 202 2.50 -10.89 12.01
C ASN B 202 3.90 -11.31 11.56
N LEU B 203 4.83 -10.35 11.47
CA LEU B 203 6.23 -10.69 11.23
C LEU B 203 6.76 -11.65 12.28
N LEU B 204 6.45 -11.36 13.54
CA LEU B 204 6.98 -12.19 14.63
C LEU B 204 6.39 -13.60 14.57
N ALA B 205 5.08 -13.68 14.34
CA ALA B 205 4.40 -14.98 14.28
C ALA B 205 5.03 -15.83 13.21
N ASP B 206 5.30 -15.22 12.06
CA ASP B 206 5.90 -15.97 10.97
C ASP B 206 7.35 -16.29 11.24
N LEU B 207 8.07 -15.41 11.93
CA LEU B 207 9.48 -15.67 12.23
C LEU B 207 9.60 -16.86 13.20
N LYS B 208 8.67 -16.95 14.14
CA LYS B 208 8.65 -18.06 15.08
C LYS B 208 8.45 -19.39 14.34
N THR B 209 7.62 -19.37 13.32
CA THR B 209 7.35 -20.58 12.55
C THR B 209 8.55 -20.93 11.69
N MET B 210 9.24 -19.92 11.17
CA MET B 210 10.47 -20.16 10.42
C MET B 210 11.54 -20.78 11.29
N VAL B 211 11.63 -20.31 12.53
CA VAL B 211 12.58 -20.88 13.48
C VAL B 211 12.24 -22.35 13.73
N GLU B 212 10.95 -22.63 13.90
CA GLU B 212 10.48 -23.98 14.21
C GLU B 212 10.93 -24.99 13.15
N THR B 213 10.98 -24.55 11.90
CA THR B 213 11.24 -25.43 10.77
C THR B 213 12.55 -25.15 10.04
N LYS B 214 13.45 -24.39 10.69
CA LYS B 214 14.68 -23.94 10.04
C LYS B 214 15.61 -25.08 9.65
N LYS B 215 16.36 -24.84 8.59
CA LYS B 215 17.31 -25.80 8.02
C LYS B 215 18.73 -25.26 8.08
N VAL B 216 19.68 -26.07 8.55
CA VAL B 216 21.08 -25.64 8.64
C VAL B 216 22.04 -26.62 7.98
N THR B 217 23.12 -26.08 7.40
CA THR B 217 24.16 -26.91 6.80
C THR B 217 24.96 -27.67 7.87
N SER B 218 25.98 -28.41 7.44
CA SER B 218 26.88 -29.06 8.37
C SER B 218 27.67 -28.02 9.15
N SER B 219 28.14 -27.00 8.42
CA SER B 219 28.88 -25.88 9.01
C SER B 219 28.03 -25.09 10.01
N GLY B 220 26.73 -25.38 10.04
CA GLY B 220 25.83 -24.75 10.99
C GLY B 220 25.16 -23.49 10.50
N VAL B 221 25.32 -23.18 9.21
CA VAL B 221 24.72 -21.96 8.66
C VAL B 221 23.32 -22.23 8.13
N LEU B 222 22.46 -21.21 8.22
CA LEU B 222 21.08 -21.33 7.80
C LEU B 222 20.91 -21.57 6.30
N LEU B 223 19.95 -22.43 5.97
CA LEU B 223 19.60 -22.71 4.58
CA LEU B 223 19.60 -22.71 4.58
C LEU B 223 18.33 -21.95 4.18
N LEU B 224 18.47 -21.01 3.26
CA LEU B 224 17.34 -20.22 2.75
C LEU B 224 17.30 -20.29 1.23
N ASP B 225 16.45 -21.16 0.68
CA ASP B 225 16.55 -21.52 -0.74
C ASP B 225 15.48 -20.92 -1.64
N ASN B 226 14.72 -19.94 -1.14
CA ASN B 226 13.85 -19.16 -2.01
C ASN B 226 13.76 -17.71 -1.55
N TYR B 227 13.21 -16.84 -2.41
CA TYR B 227 13.13 -15.43 -2.07
C TYR B 227 12.32 -15.17 -0.79
N SER B 228 11.22 -15.90 -0.62
CA SER B 228 10.35 -15.68 0.53
C SER B 228 11.11 -15.85 1.85
N ASP B 229 11.88 -16.93 1.97
CA ASP B 229 12.61 -17.18 3.19
C ASP B 229 13.74 -16.17 3.35
N ARG B 230 14.39 -15.83 2.24
CA ARG B 230 15.52 -14.89 2.29
C ARG B 230 15.07 -13.49 2.70
N ILE B 231 14.03 -12.96 2.04
CA ILE B 231 13.56 -11.62 2.34
C ILE B 231 12.96 -11.59 3.76
N GLN B 232 12.38 -12.69 4.17
CA GLN B 232 11.81 -12.76 5.52
C GLN B 232 12.89 -12.57 6.57
N VAL B 233 14.04 -13.21 6.37
CA VAL B 233 15.17 -13.04 7.28
C VAL B 233 15.69 -11.60 7.22
N LEU B 234 15.82 -11.04 6.01
CA LEU B 234 16.29 -9.66 5.91
C LEU B 234 15.30 -8.66 6.53
N GLN B 235 13.99 -8.89 6.35
CA GLN B 235 12.98 -8.02 6.96
C GLN B 235 13.11 -8.00 8.48
N ASN B 236 13.19 -9.19 9.06
CA ASN B 236 13.29 -9.28 10.51
C ASN B 236 14.61 -8.76 11.02
N MET B 237 15.67 -8.94 10.24
CA MET B 237 16.98 -8.43 10.66
C MET B 237 16.96 -6.90 10.80
N VAL B 238 16.43 -6.22 9.79
CA VAL B 238 16.37 -4.77 9.84
C VAL B 238 15.38 -4.29 10.93
N HIS B 239 14.30 -5.05 11.13
CA HIS B 239 13.33 -4.78 12.18
C HIS B 239 14.00 -4.88 13.57
N CYS B 240 14.81 -5.92 13.74
CA CYS B 240 15.60 -6.09 14.97
C CYS B 240 16.54 -4.92 15.19
N ALA B 241 17.20 -4.50 14.11
CA ALA B 241 18.12 -3.38 14.19
C ALA B 241 17.38 -2.09 14.54
N ASP B 242 16.20 -1.92 13.96
CA ASP B 242 15.34 -0.78 14.25
C ASP B 242 14.94 -0.79 15.72
N LEU B 243 14.70 -1.99 16.25
CA LEU B 243 14.28 -2.14 17.64
C LEU B 243 15.45 -2.59 18.53
N SER B 244 16.64 -2.08 18.25
CA SER B 244 17.82 -2.59 18.95
C SER B 244 18.29 -1.73 20.13
N ASN B 245 17.70 -0.56 20.33
CA ASN B 245 18.19 0.36 21.39
C ASN B 245 18.32 -0.31 22.76
N PRO B 246 17.30 -1.07 23.21
CA PRO B 246 17.38 -1.67 24.55
C PRO B 246 18.40 -2.80 24.69
N THR B 247 18.99 -3.24 23.57
CA THR B 247 20.02 -4.27 23.59
C THR B 247 21.42 -3.69 23.61
N LYS B 248 21.51 -2.37 23.65
CA LYS B 248 22.81 -1.68 23.61
C LYS B 248 23.28 -1.39 25.03
N PRO B 249 24.57 -1.06 25.19
CA PRO B 249 25.05 -0.63 26.50
C PRO B 249 24.20 0.49 27.09
N LEU B 250 24.02 0.45 28.40
CA LEU B 250 23.09 1.34 29.09
C LEU B 250 23.32 2.82 28.79
N GLN B 251 24.58 3.22 28.63
CA GLN B 251 24.88 4.62 28.32
C GLN B 251 24.28 5.05 26.99
N LEU B 252 24.20 4.12 26.03
CA LEU B 252 23.61 4.43 24.74
C LEU B 252 22.09 4.35 24.83
N TYR B 253 21.60 3.28 25.43
CA TYR B 253 20.17 3.05 25.61
C TYR B 253 19.50 4.24 26.32
N ARG B 254 20.14 4.77 27.37
CA ARG B 254 19.57 5.92 28.06
C ARG B 254 19.37 7.13 27.12
N GLN B 255 20.34 7.35 26.23
CA GLN B 255 20.28 8.46 25.30
C GLN B 255 19.13 8.29 24.30
N TRP B 256 18.96 7.07 23.78
CA TRP B 256 17.83 6.78 22.89
C TRP B 256 16.48 6.96 23.62
N THR B 257 16.42 6.59 24.90
CA THR B 257 15.17 6.71 25.63
C THR B 257 14.79 8.19 25.83
N ASP B 258 15.78 9.02 26.16
CA ASP B 258 15.59 10.48 26.24
C ASP B 258 14.96 11.02 24.96
N ARG B 259 15.54 10.62 23.84
CA ARG B 259 15.15 11.14 22.55
C ARG B 259 13.73 10.70 22.15
N ILE B 260 13.39 9.43 22.34
CA ILE B 260 12.08 8.99 21.91
C ILE B 260 11.01 9.60 22.82
N MET B 261 11.32 9.80 24.09
CA MET B 261 10.32 10.40 24.98
C MET B 261 10.12 11.89 24.65
N GLU B 262 11.20 12.57 24.27
CA GLU B 262 11.09 13.97 23.83
C GLU B 262 10.21 14.08 22.59
N GLU B 263 10.42 13.16 21.66
CA GLU B 263 9.64 13.14 20.43
C GLU B 263 8.18 12.83 20.73
N PHE B 264 7.93 11.81 21.55
CA PHE B 264 6.58 11.45 21.94
C PHE B 264 5.86 12.59 22.66
N PHE B 265 6.54 13.23 23.60
CA PHE B 265 5.89 14.30 24.35
C PHE B 265 5.55 15.48 23.43
N ARG B 266 6.38 15.71 22.41
CA ARG B 266 6.09 16.76 21.44
C ARG B 266 4.82 16.45 20.65
N GLN B 267 4.63 15.18 20.28
CA GLN B 267 3.40 14.77 19.62
C GLN B 267 2.22 14.92 20.57
N GLY B 268 2.42 14.51 21.83
CA GLY B 268 1.38 14.61 22.84
C GLY B 268 0.94 16.05 23.06
N ASP B 269 1.89 16.99 22.95
CA ASP B 269 1.59 18.41 23.09
C ASP B 269 0.73 18.91 21.94
N ARG B 270 0.99 18.41 20.75
CA ARG B 270 0.19 18.77 19.58
C ARG B 270 -1.23 18.18 19.70
N GLU B 271 -1.32 16.98 20.24
CA GLU B 271 -2.61 16.33 20.45
C GLU B 271 -3.42 17.10 21.49
N ARG B 272 -2.77 17.49 22.59
CA ARG B 272 -3.42 18.23 23.66
C ARG B 272 -3.93 19.58 23.15
N GLU B 273 -3.11 20.26 22.37
CA GLU B 273 -3.49 21.55 21.79
C GLU B 273 -4.72 21.41 20.88
N ARG B 274 -4.73 20.33 20.09
CA ARG B 274 -5.81 20.06 19.13
C ARG B 274 -7.09 19.56 19.82
N GLY B 275 -7.06 19.44 21.14
CA GLY B 275 -8.19 18.92 21.87
C GLY B 275 -8.33 17.42 21.71
N MET B 276 -7.29 16.78 21.17
CA MET B 276 -7.31 15.34 20.95
C MET B 276 -6.97 14.56 22.21
N GLU B 277 -7.48 13.34 22.31
CA GLU B 277 -7.02 12.42 23.33
C GLU B 277 -5.54 12.16 23.14
N ILE B 278 -4.76 12.31 24.21
CA ILE B 278 -3.31 12.16 24.13
C ILE B 278 -2.94 10.69 24.02
N SER B 279 -2.14 10.37 23.00
CA SER B 279 -1.72 9.00 22.76
C SER B 279 -0.94 8.43 23.95
N PRO B 280 -1.04 7.11 24.17
CA PRO B 280 -0.27 6.43 25.21
C PRO B 280 1.21 6.80 25.18
N MET B 281 1.74 7.22 26.33
CA MET B 281 3.15 7.57 26.49
C MET B 281 3.54 8.91 25.88
N CYS B 282 2.56 9.70 25.49
CA CYS B 282 2.83 10.99 24.86
C CYS B 282 2.46 12.17 25.75
N ASP B 283 2.05 11.87 26.99
CA ASP B 283 1.68 12.90 27.96
C ASP B 283 2.82 13.13 28.94
N LYS B 284 3.51 14.25 28.80
CA LYS B 284 4.67 14.56 29.65
C LYS B 284 4.31 14.64 31.13
N HIS B 285 3.04 14.91 31.42
CA HIS B 285 2.59 15.11 32.80
C HIS B 285 2.27 13.81 33.52
N ASN B 286 1.79 12.82 32.77
CA ASN B 286 1.34 11.56 33.37
C ASN B 286 2.01 10.37 32.73
N ALA B 287 3.30 10.47 32.46
CA ALA B 287 4.03 9.37 31.87
C ALA B 287 4.94 8.71 32.89
N SER B 288 5.36 7.49 32.60
CA SER B 288 6.32 6.80 33.43
C SER B 288 7.35 6.08 32.54
N VAL B 289 8.53 6.68 32.44
CA VAL B 289 9.58 6.20 31.55
C VAL B 289 10.03 4.77 31.86
N GLU B 290 10.38 4.50 33.12
CA GLU B 290 10.82 3.17 33.50
C GLU B 290 9.73 2.17 33.22
N LYS B 291 8.49 2.49 33.58
CA LYS B 291 7.41 1.54 33.33
C LYS B 291 7.23 1.34 31.83
N SER B 292 7.36 2.43 31.08
CA SER B 292 7.18 2.36 29.63
C SER B 292 8.26 1.50 28.96
N GLN B 293 9.52 1.67 29.35
CA GLN B 293 10.58 0.83 28.80
C GLN B 293 10.45 -0.65 29.20
N VAL B 294 10.10 -0.92 30.45
CA VAL B 294 9.97 -2.32 30.81
C VAL B 294 8.84 -2.97 30.01
N GLY B 295 7.77 -2.23 29.79
CA GLY B 295 6.67 -2.74 28.98
C GLY B 295 7.11 -2.94 27.53
N PHE B 296 7.87 -1.98 27.01
CA PHE B 296 8.41 -2.04 25.64
C PHE B 296 9.31 -3.26 25.48
N ILE B 297 10.16 -3.51 26.47
CA ILE B 297 11.01 -4.70 26.39
C ILE B 297 10.17 -5.97 26.52
N ASP B 298 9.27 -5.98 27.49
CA ASP B 298 8.52 -7.19 27.79
C ASP B 298 7.58 -7.63 26.66
N TYR B 299 6.96 -6.67 26.00
CA TYR B 299 5.88 -7.01 25.07
C TYR B 299 6.29 -6.90 23.61
N ILE B 300 7.41 -6.24 23.33
CA ILE B 300 7.85 -6.08 21.94
C ILE B 300 9.30 -6.50 21.71
N VAL B 301 10.23 -5.87 22.41
CA VAL B 301 11.65 -6.00 22.06
C VAL B 301 12.22 -7.37 22.45
N HIS B 302 11.90 -7.87 23.65
CA HIS B 302 12.40 -9.18 24.04
C HIS B 302 11.74 -10.32 23.25
N PRO B 303 10.41 -10.27 23.04
CA PRO B 303 9.82 -11.33 22.22
C PRO B 303 10.46 -11.42 20.83
N LEU B 304 10.76 -10.28 20.22
CA LEU B 304 11.44 -10.28 18.93
C LEU B 304 12.89 -10.81 19.03
N TRP B 305 13.68 -10.22 19.91
CA TRP B 305 15.09 -10.60 19.98
C TRP B 305 15.32 -12.03 20.47
N GLU B 306 14.45 -12.55 21.34
CA GLU B 306 14.63 -13.94 21.77
C GLU B 306 14.32 -14.88 20.59
N THR B 307 13.50 -14.43 19.65
CA THR B 307 13.21 -15.23 18.47
C THR B 307 14.37 -15.16 17.47
N TRP B 308 14.91 -13.96 17.27
CA TRP B 308 16.12 -13.82 16.46
C TRP B 308 17.25 -14.66 17.06
N ALA B 309 17.41 -14.58 18.38
CA ALA B 309 18.44 -15.36 19.07
C ALA B 309 18.26 -16.85 18.81
N ASP B 310 17.00 -17.31 18.82
CA ASP B 310 16.69 -18.70 18.48
C ASP B 310 17.18 -19.06 17.08
N LEU B 311 16.90 -18.16 16.14
CA LEU B 311 17.22 -18.38 14.73
C LEU B 311 18.72 -18.57 14.53
N VAL B 312 19.52 -17.75 15.22
CA VAL B 312 20.94 -17.73 14.98
C VAL B 312 21.76 -18.28 16.16
N HIS B 313 21.10 -19.05 17.03
CA HIS B 313 21.75 -19.54 18.26
C HIS B 313 23.09 -20.19 17.99
N PRO B 314 24.13 -19.82 18.77
CA PRO B 314 24.11 -18.91 19.92
C PRO B 314 24.64 -17.51 19.61
N ASP B 315 24.62 -17.12 18.34
CA ASP B 315 25.25 -15.87 17.88
C ASP B 315 24.84 -14.64 18.67
N ALA B 316 23.56 -14.58 19.04
CA ALA B 316 23.00 -13.39 19.65
C ALA B 316 22.90 -13.45 21.16
N GLN B 317 23.57 -14.42 21.80
CA GLN B 317 23.37 -14.57 23.25
C GLN B 317 23.86 -13.36 24.03
N ASP B 318 24.97 -12.74 23.60
CA ASP B 318 25.48 -11.56 24.31
C ASP B 318 24.50 -10.39 24.18
N ILE B 319 23.88 -10.28 23.02
CA ILE B 319 22.91 -9.21 22.79
C ILE B 319 21.68 -9.43 23.66
N LEU B 320 21.23 -10.68 23.74
CA LEU B 320 20.08 -11.00 24.55
C LEU B 320 20.41 -10.78 26.03
N ASP B 321 21.63 -11.12 26.43
CA ASP B 321 22.04 -10.92 27.83
C ASP B 321 21.96 -9.45 28.25
N THR B 322 22.45 -8.56 27.38
CA THR B 322 22.43 -7.11 27.61
C THR B 322 20.99 -6.63 27.75
N LEU B 323 20.15 -7.10 26.83
CA LEU B 323 18.74 -6.75 26.85
C LEU B 323 18.11 -7.16 28.17
N GLU B 324 18.35 -8.40 28.58
CA GLU B 324 17.78 -8.90 29.82
C GLU B 324 18.34 -8.11 31.02
N ASP B 325 19.63 -7.78 31.00
CA ASP B 325 20.21 -6.96 32.07
C ASP B 325 19.58 -5.57 32.13
N ASN B 326 19.38 -4.95 30.96
CA ASN B 326 18.78 -3.62 30.91
C ASN B 326 17.32 -3.63 31.40
N ARG B 327 16.60 -4.72 31.14
CA ARG B 327 15.21 -4.85 31.59
C ARG B 327 15.19 -4.95 33.11
N GLU B 328 16.07 -5.78 33.62
CA GLU B 328 16.17 -5.94 35.06
CA GLU B 328 16.29 -5.96 35.06
C GLU B 328 16.59 -4.63 35.71
N TRP B 329 17.40 -3.85 35.00
CA TRP B 329 17.82 -2.55 35.50
C TRP B 329 16.67 -1.55 35.55
N TYR B 330 15.92 -1.43 34.46
CA TYR B 330 14.82 -0.47 34.40
C TYR B 330 13.69 -0.83 35.39
N GLN B 331 13.52 -2.10 35.70
CA GLN B 331 12.42 -2.50 36.57
C GLN B 331 12.80 -2.36 38.04
N SER B 332 14.09 -2.15 38.31
CA SER B 332 14.58 -2.21 39.68
C SER B 332 14.11 -1.05 40.56
N THR B 333 13.76 0.09 39.97
CA THR B 333 13.25 1.22 40.78
C THR B 333 11.72 1.36 40.74
N ILE B 334 11.05 0.40 40.14
CA ILE B 334 9.59 0.36 40.18
C ILE B 334 9.18 -0.50 41.36
N PRO B 335 8.47 0.09 42.34
CA PRO B 335 8.02 -0.71 43.48
C PRO B 335 7.16 -1.89 43.01
N GLN B 336 7.40 -3.09 43.54
CA GLN B 336 6.56 -4.22 43.21
C GLN B 336 6.38 -5.18 44.37
N ALA B 337 5.30 -5.96 44.33
CA ALA B 337 5.03 -6.94 45.36
C ALA B 337 6.08 -8.02 45.25
ZN ZN C . -12.40 -0.01 -13.59
MG MG D . -9.01 0.19 -12.14
MG MG E . -17.36 -0.30 -18.35
MG MG F . -37.61 1.17 -21.62
MG MG G . -20.01 -15.26 8.34
C10 CZT H . -9.14 -7.51 -21.91
C13 CZT H . -8.58 -7.89 -23.90
C15 CZT H . -12.36 -5.82 -21.38
C17 CZT H . -12.88 -5.00 -20.50
C20 CZT H . -2.52 -6.63 -18.13
C21 CZT H . -1.33 -7.19 -17.37
C22 CZT H . -4.33 -3.45 -16.94
C01 CZT H . -2.31 -4.64 -21.28
C02 CZT H . -2.93 -5.20 -20.01
C03 CZT H . -3.48 -4.11 -19.10
N01 CZT H . -4.14 -4.60 -17.86
C04 CZT H . -5.73 -2.78 -16.68
C05 CZT H . -6.80 -3.83 -17.02
O01 CZT H . -8.26 -3.55 -16.92
N02 CZT H . -8.93 -4.09 -17.99
C06 CZT H . -10.20 -4.26 -18.06
C07 CZT H . -10.92 -4.84 -19.26
C08 CZT H . -10.36 -5.65 -20.10
C09 CZT H . -11.01 -6.19 -21.22
O02 CZT H . -10.43 -7.06 -22.16
C11 CZT H . -8.72 -9.04 -21.97
C12 CZT H . -8.95 -9.20 -23.23
C14 CZT H . -8.42 -7.01 -22.75
O03 CZT H . -13.10 -6.28 -22.42
C16 CZT H . -14.15 -5.82 -22.91
C18 CZT H . -12.17 -4.51 -19.45
O04 CZT H . -5.83 -1.61 -17.49
C19 CZT H . -3.33 -5.68 -17.22
O05 CZT H . -1.98 -6.01 -19.31
H11 CZT H . -8.76 -7.26 -21.11
H17 CZT H . -7.77 -7.96 -24.38
H16 CZT H . -9.30 -7.56 -24.42
H23 CZT H . -13.81 -4.73 -20.60
H34 CZT H . -3.15 -7.47 -18.45
H32 CZT H . -0.76 -6.39 -16.88
H33 CZT H . -0.63 -7.68 -18.06
H31 CZT H . -1.64 -7.92 -16.61
H29 CZT H . -4.02 -3.81 -15.94
H30 CZT H . -3.60 -2.67 -17.20
H03 CZT H . -3.08 -4.39 -22.03
H02 CZT H . -1.61 -5.34 -21.72
H01 CZT H . -1.79 -3.70 -21.06
H04 CZT H . -3.75 -5.87 -20.30
H06 CZT H . -2.67 -3.42 -18.81
H05 CZT H . -4.19 -3.50 -19.69
H28 CZT H . -5.83 -2.47 -15.64
H07 CZT H . -6.61 -4.20 -18.03
H08 CZT H . -6.59 -4.68 -16.36
H09 CZT H . -10.83 -3.95 -17.22
H10 CZT H . -9.44 -5.88 -19.97
H13 CZT H . -9.28 -9.62 -21.39
H12 CZT H . -7.78 -9.15 -21.75
H14 CZT H . -8.39 -9.89 -23.59
H15 CZT H . -9.86 -9.40 -23.39
H18 CZT H . -7.50 -7.04 -22.44
H19 CZT H . -8.60 -6.09 -22.95
H20 CZT H . -14.55 -6.50 -23.41
H21 CZT H . -13.93 -5.08 -23.45
H22 CZT H . -14.73 -5.55 -22.20
H24 CZT H . -12.59 -3.92 -18.84
H27 CZT H . -5.11 -1.01 -17.20
H25 CZT H . -3.96 -6.27 -16.54
H26 CZT H . -2.62 -5.16 -16.55
ZN ZN I . 13.45 3.47 12.58
MG MG J . 10.19 3.96 10.89
C10 CZT K . 8.96 3.84 23.39
C13 CZT K . 7.88 3.42 25.20
C15 CZT K . 12.27 3.36 22.18
C17 CZT K . 12.88 3.34 21.03
C20 CZT K . 2.00 4.20 18.96
C21 CZT K . 0.58 3.78 18.58
C22 CZT K . 4.82 5.13 16.52
C01 CZT K . 2.87 7.47 20.41
C02 CZT K . 3.14 6.10 19.81
C03 CZT K . 4.13 6.11 18.64
N01 CZT K . 4.29 4.84 17.87
C04 CZT K . 6.34 5.14 16.12
C05 CZT K . 7.04 4.15 17.07
O01 CZT K . 8.49 3.81 16.94
N02 CZT K . 9.14 3.81 18.14
C06 CZT K . 10.26 3.24 18.43
C07 CZT K . 10.92 3.28 19.79
C08 CZT K . 10.25 3.29 20.92
C09 CZT K . 10.88 3.33 22.18
O02 CZT K . 10.25 3.35 23.42
C11 CZT K . 7.77 2.84 23.05
C12 CZT K . 7.69 2.30 24.20
C14 CZT K . 8.73 4.37 24.48
O03 CZT K . 12.92 3.40 23.36
C16 CZT K . 14.13 3.68 23.56
C18 CZT K . 12.22 3.32 19.84
O04 CZT K . 6.85 6.49 16.25
C19 CZT K . 2.97 4.12 17.76
O05 CZT K . 1.87 5.52 19.49
H11 CZT K . 8.80 4.51 22.79
H17 CZT K . 7.06 3.82 25.42
H16 CZT K . 8.37 3.12 25.95
H23 CZT K . 13.85 3.37 21.01
H34 CZT K . 2.35 3.54 19.77
H32 CZT K . 0.48 3.68 17.49
H33 CZT K . -0.14 4.55 18.89
H31 CZT K . 0.29 2.84 19.04
H29 CZT K . 4.39 4.36 15.85
H30 CZT K . 4.37 6.07 16.17
H03 CZT K . 3.78 8.03 20.60
H02 CZT K . 2.31 7.39 21.35
H01 CZT K . 2.28 8.07 19.71
H04 CZT K . 3.56 5.47 20.61
H06 CZT K . 3.82 6.89 17.94
H05 CZT K . 5.11 6.43 19.03
H28 CZT K . 6.49 4.84 15.08
H07 CZT K . 6.89 4.49 18.10
H08 CZT K . 6.48 3.22 16.97
H09 CZT K . 10.77 2.67 17.66
H10 CZT K . 9.30 3.27 20.90
H13 CZT K . 8.01 2.21 22.33
H12 CZT K . 6.96 3.33 22.80
H14 CZT K . 6.83 1.92 24.33
H15 CZT K . 8.36 1.64 24.32
H18 CZT K . 8.22 5.19 24.31
H19 CZT K . 9.50 4.64 24.98
H20 CZT K . 14.37 3.36 24.40
H21 CZT K . 14.23 4.61 23.51
H22 CZT K . 14.67 3.26 22.88
H24 CZT K . 12.70 3.30 19.03
H27 CZT K . 6.77 6.89 15.36
H25 CZT K . 3.14 3.08 17.48
H26 CZT K . 2.47 4.57 16.89
#